data_5W35
#
_entry.id   5W35
#
_cell.length_a   43.995
_cell.length_b   210.414
_cell.length_c   47.752
_cell.angle_alpha   90.00
_cell.angle_beta   108.60
_cell.angle_gamma   90.00
#
_symmetry.space_group_name_H-M   'P 1 21 1'
#
loop_
_entity.id
_entity.type
_entity.pdbx_description
1 polymer 'DNA primase'
2 polymer "synthetic DNA oligomer 5'-CCACTTCCGGTC"
3 polymer "synthetic DNA oligomer 5'-TGACCGGAAGTGG"
#
loop_
_entity_poly.entity_id
_entity_poly.type
_entity_poly.pdbx_seq_one_letter_code
_entity_poly.pdbx_strand_id
1 'polypeptide(L)'
;GPHMGSRSRLLAANAAAAAFYAQALQSDEAAPARQYLTERSFDAAAARKFGCGFAPSGWDSLTKHLQRKGFEFEELEAAG
LSRQGRHGPMDRFHRRLLWPIRTSAGEVVGFGARRLFDDDAMEAKYVNTPETLLYKKSSVMFGIDLAKRDIAKGHQAVVV
EGYTDVMAMHLAGVTTAVASCGTAFGGEHLAMLRRLMMDDSFFRGELIYVFDGDEAGRAAALKAFDGEQKLAGQSFVAVA
PDGMDPCDLRLKCGDAALRDLVARRTPLFEFAIRAAIAEMDLDSAEGRVAALRRCVPMVGQIKDPTLRDEYARQLAGWVG
WADVA
;
A,B
2 'polydeoxyribonucleotide' (DC)(DC)(DA)(DC)(DT)(DT)(DC)(DC)(DG)(DG)(DT)(DC) C
3 'polydeoxyribonucleotide' (DT)(DG)(DA)(DC)(DC)(DG)(DG)(DA)(DA)(DG)(DT)(DG)(DG) D
#
# COMPACT_ATOMS: atom_id res chain seq x y z
N PRO A 2 -41.03 5.00 -15.62
CA PRO A 2 -42.45 5.08 -15.27
C PRO A 2 -42.73 4.92 -13.77
N HIS A 3 -44.01 4.93 -13.40
CA HIS A 3 -44.44 4.64 -12.02
C HIS A 3 -44.26 3.15 -11.76
N MET A 4 -44.89 2.34 -12.60
CA MET A 4 -44.88 0.89 -12.46
C MET A 4 -43.66 0.28 -13.15
N GLY A 5 -42.91 -0.54 -12.41
CA GLY A 5 -41.78 -1.30 -12.95
C GLY A 5 -40.46 -0.55 -13.05
N SER A 6 -40.30 0.49 -12.22
CA SER A 6 -39.06 1.27 -12.19
C SER A 6 -38.03 0.61 -11.28
N ARG A 7 -36.81 1.14 -11.31
CA ARG A 7 -35.70 0.60 -10.53
C ARG A 7 -35.97 0.67 -9.03
N SER A 8 -36.29 1.87 -8.53
CA SER A 8 -36.61 2.08 -7.11
C SER A 8 -37.86 1.31 -6.65
N ARG A 9 -38.78 1.09 -7.59
CA ARG A 9 -39.97 0.27 -7.34
C ARG A 9 -39.59 -1.21 -7.17
N LEU A 10 -38.69 -1.70 -8.04
CA LEU A 10 -38.17 -3.07 -7.96
C LEU A 10 -37.39 -3.33 -6.66
N LEU A 11 -36.59 -2.35 -6.23
CA LEU A 11 -35.85 -2.45 -4.97
C LEU A 11 -36.81 -2.51 -3.78
N ALA A 12 -37.90 -1.74 -3.86
CA ALA A 12 -38.95 -1.76 -2.84
C ALA A 12 -39.60 -3.14 -2.71
N ALA A 13 -39.82 -3.79 -3.85
CA ALA A 13 -40.37 -5.15 -3.89
C ALA A 13 -39.44 -6.16 -3.21
N ASN A 14 -38.15 -6.09 -3.54
CA ASN A 14 -37.13 -6.93 -2.91
C ASN A 14 -36.99 -6.62 -1.42
N ALA A 15 -37.00 -5.32 -1.07
CA ALA A 15 -36.96 -4.88 0.34
C ALA A 15 -38.13 -5.45 1.15
N ALA A 16 -39.33 -5.31 0.60
CA ALA A 16 -40.53 -5.93 1.15
C ALA A 16 -40.35 -7.43 1.28
N ALA A 17 -39.91 -8.05 0.18
CA ALA A 17 -39.69 -9.50 0.12
C ALA A 17 -38.73 -10.00 1.21
N ALA A 18 -37.69 -9.21 1.47
CA ALA A 18 -36.72 -9.53 2.52
C ALA A 18 -37.35 -9.45 3.91
N ALA A 19 -38.20 -8.43 4.11
CA ALA A 19 -38.94 -8.28 5.38
C ALA A 19 -39.93 -9.42 5.58
N PHE A 20 -40.60 -9.82 4.51
CA PHE A 20 -41.53 -10.95 4.53
C PHE A 20 -40.80 -12.25 4.86
N TYR A 21 -39.74 -12.54 4.11
CA TYR A 21 -38.97 -13.77 4.32
C TYR A 21 -38.31 -13.83 5.70
N ALA A 22 -37.94 -12.67 6.25
CA ALA A 22 -37.35 -12.58 7.59
C ALA A 22 -38.35 -12.99 8.65
N GLN A 23 -39.56 -12.41 8.59
CA GLN A 23 -40.68 -12.77 9.45
C GLN A 23 -40.95 -14.28 9.40
N ALA A 24 -40.98 -14.82 8.18
CA ALA A 24 -41.25 -16.25 7.95
C ALA A 24 -40.28 -17.23 8.62
N LEU A 25 -39.07 -16.75 8.94
CA LEU A 25 -38.08 -17.57 9.65
C LEU A 25 -38.48 -17.96 11.08
N GLN A 26 -39.34 -17.15 11.69
CA GLN A 26 -39.85 -17.44 13.04
C GLN A 26 -41.03 -18.45 13.05
N SER A 27 -41.53 -18.84 11.88
CA SER A 27 -42.68 -19.76 11.78
C SER A 27 -42.29 -21.20 12.18
N ASP A 28 -43.32 -22.04 12.31
CA ASP A 28 -43.16 -23.43 12.76
C ASP A 28 -42.47 -24.28 11.70
N GLU A 29 -42.98 -24.20 10.46
CA GLU A 29 -42.38 -24.93 9.33
C GLU A 29 -40.96 -24.46 8.97
N ALA A 30 -40.57 -23.27 9.45
CA ALA A 30 -39.19 -22.78 9.40
C ALA A 30 -38.29 -23.27 10.57
N ALA A 31 -38.64 -24.39 11.20
CA ALA A 31 -37.76 -25.03 12.17
C ALA A 31 -36.44 -25.53 11.56
N PRO A 32 -36.49 -26.38 10.50
CA PRO A 32 -35.23 -26.89 9.93
C PRO A 32 -34.29 -25.81 9.38
N ALA A 33 -34.86 -24.70 8.90
CA ALA A 33 -34.07 -23.55 8.44
C ALA A 33 -33.35 -22.86 9.60
N ARG A 34 -34.04 -22.71 10.73
CA ARG A 34 -33.40 -22.25 11.97
C ARG A 34 -32.38 -23.28 12.47
N GLN A 35 -32.74 -24.56 12.34
CA GLN A 35 -31.84 -25.67 12.70
C GLN A 35 -30.56 -25.63 11.88
N TYR A 36 -30.68 -25.42 10.57
CA TYR A 36 -29.51 -25.27 9.69
C TYR A 36 -28.53 -24.23 10.23
N LEU A 37 -29.05 -23.10 10.69
CA LEU A 37 -28.21 -22.00 11.20
C LEU A 37 -27.61 -22.30 12.56
N THR A 38 -28.46 -22.74 13.49
CA THR A 38 -28.02 -23.02 14.87
C THR A 38 -27.12 -24.26 14.95
N GLU A 39 -27.37 -25.25 14.10
CA GLU A 39 -26.51 -26.44 13.97
C GLU A 39 -25.05 -26.04 13.70
N ARG A 40 -24.86 -24.99 12.89
CA ARG A 40 -23.51 -24.44 12.65
C ARG A 40 -23.28 -23.10 13.34
N SER A 41 -23.70 -23.04 14.61
CA SER A 41 -23.32 -21.99 15.56
C SER A 41 -23.70 -20.55 15.18
N PHE A 42 -24.80 -20.39 14.45
CA PHE A 42 -25.35 -19.06 14.14
C PHE A 42 -26.60 -18.85 15.00
N ASP A 43 -26.49 -17.94 15.97
CA ASP A 43 -27.57 -17.59 16.90
C ASP A 43 -28.56 -16.59 16.28
N ALA A 44 -29.58 -16.22 17.04
CA ALA A 44 -30.64 -15.29 16.57
C ALA A 44 -30.12 -13.88 16.25
N ALA A 45 -29.06 -13.45 16.92
CA ALA A 45 -28.42 -12.16 16.64
C ALA A 45 -27.76 -12.15 15.27
N ALA A 46 -27.09 -13.25 14.92
CA ALA A 46 -26.47 -13.44 13.61
C ALA A 46 -27.54 -13.38 12.51
N ALA A 47 -28.53 -14.27 12.61
CA ALA A 47 -29.62 -14.38 11.62
C ALA A 47 -30.31 -13.05 11.27
N ARG A 48 -30.44 -12.17 12.25
CA ARG A 48 -31.00 -10.84 12.05
C ARG A 48 -30.02 -9.87 11.39
N LYS A 49 -28.72 -10.02 11.66
CA LYS A 49 -27.68 -9.15 11.06
C LYS A 49 -27.63 -9.25 9.54
N PHE A 50 -27.52 -10.48 9.05
CA PHE A 50 -27.42 -10.77 7.61
C PHE A 50 -28.77 -10.78 6.91
N GLY A 51 -29.85 -10.79 7.68
CA GLY A 51 -31.21 -10.73 7.14
C GLY A 51 -31.72 -12.07 6.66
N CYS A 52 -31.20 -13.15 7.25
CA CYS A 52 -31.60 -14.51 6.88
C CYS A 52 -33.11 -14.67 6.95
N GLY A 53 -33.66 -15.48 6.05
CA GLY A 53 -35.10 -15.70 5.95
C GLY A 53 -35.45 -17.09 5.48
N PHE A 54 -36.74 -17.38 5.41
CA PHE A 54 -37.24 -18.68 4.97
C PHE A 54 -38.35 -18.48 3.97
N ALA A 55 -38.23 -19.13 2.81
CA ALA A 55 -39.28 -19.11 1.80
C ALA A 55 -40.34 -20.14 2.18
N PRO A 56 -41.62 -19.72 2.30
CA PRO A 56 -42.63 -20.65 2.79
C PRO A 56 -43.10 -21.67 1.76
N SER A 57 -43.71 -22.74 2.27
CA SER A 57 -44.39 -23.73 1.43
C SER A 57 -45.64 -23.12 0.81
N GLY A 58 -46.08 -23.71 -0.29
CA GLY A 58 -47.22 -23.21 -1.07
C GLY A 58 -46.79 -22.71 -2.44
N TRP A 59 -47.67 -21.93 -3.06
CA TRP A 59 -47.48 -21.46 -4.44
C TRP A 59 -47.18 -19.97 -4.57
N ASP A 60 -47.97 -19.14 -3.90
CA ASP A 60 -47.98 -17.68 -4.12
C ASP A 60 -47.99 -16.86 -2.81
N SER A 61 -47.33 -17.39 -1.79
CA SER A 61 -47.36 -16.80 -0.45
C SER A 61 -46.85 -15.36 -0.46
N LEU A 62 -45.61 -15.17 -0.90
CA LEU A 62 -45.01 -13.83 -1.03
C LEU A 62 -45.73 -12.94 -2.04
N THR A 63 -46.04 -13.50 -3.21
CA THR A 63 -46.66 -12.74 -4.30
C THR A 63 -47.97 -12.05 -3.89
N LYS A 64 -48.84 -12.82 -3.22
CA LYS A 64 -50.10 -12.29 -2.68
C LYS A 64 -49.82 -11.17 -1.66
N HIS A 65 -48.85 -11.42 -0.77
CA HIS A 65 -48.45 -10.44 0.25
C HIS A 65 -47.92 -9.14 -0.34
N LEU A 66 -47.21 -9.24 -1.46
CA LEU A 66 -46.68 -8.07 -2.18
C LEU A 66 -47.74 -7.39 -3.05
N GLN A 67 -48.69 -8.18 -3.58
CA GLN A 67 -49.85 -7.60 -4.28
C GLN A 67 -50.79 -6.83 -3.34
N ARG A 68 -50.92 -7.30 -2.09
CA ARG A 68 -51.61 -6.52 -1.03
C ARG A 68 -50.89 -5.20 -0.74
N LYS A 69 -49.55 -5.25 -0.68
CA LYS A 69 -48.72 -4.03 -0.54
C LYS A 69 -48.77 -3.07 -1.74
N GLY A 70 -49.34 -3.52 -2.87
CA GLY A 70 -49.61 -2.67 -4.04
C GLY A 70 -48.81 -2.99 -5.29
N PHE A 71 -47.93 -3.99 -5.22
CA PHE A 71 -47.04 -4.31 -6.33
C PHE A 71 -47.75 -5.12 -7.40
N GLU A 72 -47.64 -4.67 -8.65
CA GLU A 72 -48.20 -5.39 -9.80
C GLU A 72 -47.36 -6.63 -10.08
N PHE A 73 -47.98 -7.64 -10.69
CA PHE A 73 -47.26 -8.87 -11.09
C PHE A 73 -46.11 -8.60 -12.08
N GLU A 74 -46.31 -7.61 -12.96
CA GLU A 74 -45.29 -7.24 -13.96
C GLU A 74 -43.99 -6.84 -13.28
N GLU A 75 -44.11 -6.17 -12.13
CA GLU A 75 -42.97 -5.68 -11.35
C GLU A 75 -42.25 -6.82 -10.63
N LEU A 76 -43.04 -7.73 -10.06
CA LEU A 76 -42.50 -8.84 -9.26
C LEU A 76 -41.75 -9.85 -10.12
N GLU A 77 -42.26 -10.10 -11.33
CA GLU A 77 -41.57 -10.92 -12.33
C GLU A 77 -40.28 -10.26 -12.82
N ALA A 78 -40.34 -8.95 -13.05
CA ALA A 78 -39.18 -8.16 -13.43
C ALA A 78 -38.13 -8.13 -12.31
N ALA A 79 -38.58 -8.12 -11.05
CA ALA A 79 -37.70 -8.17 -9.88
C ALA A 79 -37.09 -9.55 -9.59
N GLY A 80 -37.55 -10.58 -10.32
CA GLY A 80 -37.12 -11.95 -10.09
C GLY A 80 -37.68 -12.56 -8.82
N LEU A 81 -38.82 -12.05 -8.35
CA LEU A 81 -39.47 -12.53 -7.13
C LEU A 81 -40.55 -13.56 -7.44
N SER A 82 -41.31 -13.29 -8.50
CA SER A 82 -42.43 -14.13 -8.93
C SER A 82 -42.24 -14.61 -10.36
N ARG A 83 -43.16 -15.48 -10.78
CA ARG A 83 -43.18 -16.00 -12.14
C ARG A 83 -44.57 -16.55 -12.48
N GLN A 84 -44.86 -16.59 -13.78
CA GLN A 84 -46.19 -16.97 -14.27
C GLN A 84 -46.35 -18.49 -14.33
N GLY A 85 -47.16 -19.03 -13.42
CA GLY A 85 -47.59 -20.44 -13.47
C GLY A 85 -48.89 -20.57 -14.25
N ARG A 86 -49.35 -21.81 -14.43
CA ARG A 86 -50.49 -22.10 -15.33
C ARG A 86 -51.85 -21.61 -14.78
N HIS A 87 -52.13 -21.88 -13.51
CA HIS A 87 -53.34 -21.37 -12.84
C HIS A 87 -53.16 -19.97 -12.20
N GLY A 88 -52.04 -19.30 -12.49
CA GLY A 88 -51.77 -17.94 -12.00
C GLY A 88 -50.31 -17.73 -11.61
N PRO A 89 -49.97 -16.51 -11.14
CA PRO A 89 -48.66 -16.20 -10.59
C PRO A 89 -48.21 -17.12 -9.45
N MET A 90 -46.90 -17.31 -9.31
CA MET A 90 -46.32 -18.09 -8.21
C MET A 90 -44.94 -17.57 -7.79
N ASP A 91 -44.53 -17.90 -6.56
CA ASP A 91 -43.22 -17.50 -6.02
C ASP A 91 -42.10 -18.20 -6.77
N ARG A 92 -40.92 -17.60 -6.76
CA ARG A 92 -39.71 -18.24 -7.29
C ARG A 92 -39.16 -19.26 -6.30
N PHE A 93 -39.10 -18.88 -5.02
CA PHE A 93 -38.48 -19.69 -3.97
C PHE A 93 -39.52 -20.40 -3.13
N HIS A 94 -39.22 -21.66 -2.78
CA HIS A 94 -40.10 -22.51 -1.95
C HIS A 94 -39.30 -23.35 -0.96
N ARG A 95 -39.67 -23.28 0.31
CA ARG A 95 -39.18 -24.20 1.36
C ARG A 95 -37.65 -24.22 1.46
N ARG A 96 -37.05 -23.04 1.53
CA ARG A 96 -35.59 -22.88 1.51
C ARG A 96 -35.12 -21.70 2.36
N LEU A 97 -33.96 -21.88 2.99
CA LEU A 97 -33.32 -20.81 3.76
C LEU A 97 -32.72 -19.80 2.80
N LEU A 98 -33.28 -18.59 2.78
CA LEU A 98 -32.79 -17.51 1.93
C LEU A 98 -31.82 -16.60 2.67
N TRP A 99 -30.85 -16.08 1.94
CA TRP A 99 -30.10 -14.90 2.36
C TRP A 99 -30.36 -13.84 1.32
N PRO A 100 -30.71 -12.62 1.74
CA PRO A 100 -30.80 -11.54 0.77
C PRO A 100 -29.42 -11.09 0.32
N ILE A 101 -29.30 -10.79 -0.97
CA ILE A 101 -28.07 -10.31 -1.57
C ILE A 101 -28.27 -8.84 -1.89
N ARG A 102 -27.34 -8.01 -1.44
CA ARG A 102 -27.51 -6.58 -1.47
C ARG A 102 -26.42 -5.89 -2.28
N THR A 103 -26.60 -4.60 -2.50
CA THR A 103 -25.56 -3.72 -3.04
C THR A 103 -24.59 -3.37 -1.92
N SER A 104 -23.55 -2.60 -2.22
CA SER A 104 -22.63 -2.07 -1.20
C SER A 104 -23.31 -1.06 -0.24
N ALA A 105 -24.36 -0.41 -0.72
CA ALA A 105 -25.18 0.50 0.09
C ALA A 105 -26.37 -0.20 0.79
N GLY A 106 -26.41 -1.54 0.76
CA GLY A 106 -27.40 -2.31 1.50
C GLY A 106 -28.73 -2.60 0.81
N GLU A 107 -28.93 -2.08 -0.40
CA GLU A 107 -30.18 -2.29 -1.12
C GLU A 107 -30.30 -3.71 -1.67
N VAL A 108 -31.38 -4.40 -1.31
CA VAL A 108 -31.60 -5.80 -1.70
C VAL A 108 -31.86 -5.87 -3.22
N VAL A 109 -31.05 -6.65 -3.93
CA VAL A 109 -31.20 -6.87 -5.38
C VAL A 109 -31.53 -8.31 -5.78
N GLY A 110 -31.51 -9.23 -4.81
CA GLY A 110 -31.85 -10.63 -5.06
C GLY A 110 -31.66 -11.49 -3.83
N PHE A 111 -31.83 -12.80 -4.02
CA PHE A 111 -31.69 -13.78 -2.93
C PHE A 111 -30.89 -15.00 -3.36
N GLY A 112 -30.28 -15.66 -2.37
CA GLY A 112 -29.65 -16.96 -2.54
C GLY A 112 -30.36 -17.93 -1.61
N ALA A 113 -30.84 -19.04 -2.16
CA ALA A 113 -31.68 -19.99 -1.44
C ALA A 113 -30.99 -21.34 -1.32
N ARG A 114 -30.92 -21.92 -0.12
CA ARG A 114 -30.37 -23.27 0.05
C ARG A 114 -31.46 -24.31 0.24
N ARG A 115 -31.28 -25.46 -0.42
CA ARG A 115 -32.17 -26.60 -0.27
C ARG A 115 -32.15 -27.09 1.18
N LEU A 116 -33.33 -27.39 1.70
CA LEU A 116 -33.47 -27.91 3.07
C LEU A 116 -34.04 -29.33 2.99
N PHE A 117 -35.28 -29.43 2.52
CA PHE A 117 -36.05 -30.67 2.63
C PHE A 117 -35.66 -31.73 1.63
N ASP A 118 -36.05 -32.96 1.97
CA ASP A 118 -35.70 -34.15 1.20
C ASP A 118 -36.56 -34.23 -0.05
N ASP A 119 -37.82 -33.81 0.08
CA ASP A 119 -38.79 -33.81 -1.03
C ASP A 119 -38.95 -32.45 -1.71
N ASP A 120 -37.84 -31.70 -1.81
CA ASP A 120 -37.81 -30.41 -2.51
C ASP A 120 -37.90 -30.68 -4.01
N ALA A 121 -38.79 -29.96 -4.69
CA ALA A 121 -38.96 -30.09 -6.15
C ALA A 121 -37.68 -29.69 -6.89
N MET A 122 -36.96 -28.71 -6.35
CA MET A 122 -35.71 -28.25 -6.94
C MET A 122 -34.53 -29.08 -6.42
N GLU A 123 -33.85 -29.77 -7.34
CA GLU A 123 -32.73 -30.67 -6.98
C GLU A 123 -31.47 -29.93 -6.56
N ALA A 124 -31.25 -28.73 -7.13
CA ALA A 124 -30.04 -27.94 -6.87
C ALA A 124 -29.86 -27.64 -5.38
N LYS A 125 -28.60 -27.64 -4.94
CA LYS A 125 -28.24 -27.36 -3.54
C LYS A 125 -28.47 -25.89 -3.17
N TYR A 126 -28.15 -25.00 -4.11
CA TYR A 126 -28.40 -23.56 -3.99
C TYR A 126 -29.10 -23.02 -5.24
N VAL A 127 -30.03 -22.08 -5.05
CA VAL A 127 -30.76 -21.40 -6.14
C VAL A 127 -30.58 -19.90 -5.96
N ASN A 128 -30.50 -19.18 -7.08
CA ASN A 128 -30.39 -17.71 -7.05
C ASN A 128 -31.48 -17.02 -7.85
N THR A 129 -31.62 -15.71 -7.58
CA THR A 129 -32.47 -14.84 -8.37
C THR A 129 -31.85 -14.76 -9.76
N PRO A 130 -32.67 -14.88 -10.83
CA PRO A 130 -32.10 -14.82 -12.18
C PRO A 130 -31.65 -13.41 -12.56
N GLU A 131 -31.14 -13.27 -13.78
CA GLU A 131 -30.66 -11.98 -14.25
C GLU A 131 -31.83 -11.02 -14.38
N THR A 132 -31.80 -9.96 -13.59
CA THR A 132 -32.79 -8.89 -13.68
C THR A 132 -32.05 -7.58 -13.93
N LEU A 133 -32.82 -6.50 -14.04
CA LEU A 133 -32.28 -5.13 -14.10
C LEU A 133 -31.34 -4.87 -12.91
N LEU A 134 -31.69 -5.41 -11.75
CA LEU A 134 -30.93 -5.22 -10.50
C LEU A 134 -29.86 -6.27 -10.27
N TYR A 135 -30.18 -7.53 -10.56
CA TYR A 135 -29.31 -8.67 -10.23
C TYR A 135 -28.41 -9.08 -11.41
N LYS A 136 -27.11 -8.84 -11.27
CA LYS A 136 -26.10 -9.32 -12.21
C LYS A 136 -25.19 -10.30 -11.45
N LYS A 137 -25.23 -11.58 -11.81
CA LYS A 137 -24.50 -12.63 -11.07
C LYS A 137 -22.97 -12.42 -11.03
N SER A 138 -22.42 -11.91 -12.13
CA SER A 138 -20.97 -11.76 -12.27
C SER A 138 -20.38 -10.58 -11.49
N SER A 139 -21.23 -9.65 -11.04
CA SER A 139 -20.79 -8.51 -10.19
C SER A 139 -21.38 -8.51 -8.77
N VAL A 140 -22.37 -9.34 -8.49
CA VAL A 140 -23.03 -9.36 -7.19
C VAL A 140 -22.19 -10.16 -6.17
N MET A 141 -22.11 -9.65 -4.94
CA MET A 141 -21.38 -10.32 -3.85
C MET A 141 -22.10 -10.23 -2.51
N PHE A 142 -22.15 -11.36 -1.80
CA PHE A 142 -22.76 -11.44 -0.47
C PHE A 142 -21.79 -10.89 0.58
N GLY A 143 -22.33 -10.13 1.53
CA GLY A 143 -21.55 -9.50 2.60
C GLY A 143 -20.85 -8.19 2.29
N ILE A 144 -20.95 -7.72 1.05
CA ILE A 144 -20.26 -6.49 0.61
C ILE A 144 -20.77 -5.25 1.37
N ASP A 145 -22.08 -5.20 1.59
CA ASP A 145 -22.72 -4.15 2.40
C ASP A 145 -22.06 -3.97 3.77
N LEU A 146 -21.72 -5.09 4.40
CA LEU A 146 -21.09 -5.08 5.72
C LEU A 146 -19.59 -4.80 5.61
N ALA A 147 -18.91 -5.54 4.74
CA ALA A 147 -17.46 -5.40 4.56
C ALA A 147 -17.01 -4.11 3.86
N LYS A 148 -17.89 -3.49 3.06
CA LYS A 148 -17.64 -2.23 2.31
C LYS A 148 -16.63 -1.29 2.97
N ARG A 149 -16.87 -0.94 4.23
CA ARG A 149 -16.07 0.05 4.95
C ARG A 149 -14.69 -0.47 5.30
N ASP A 150 -14.64 -1.65 5.88
CA ASP A 150 -13.40 -2.23 6.42
C ASP A 150 -12.43 -2.70 5.34
N ILE A 151 -12.96 -3.00 4.16
CA ILE A 151 -12.15 -3.28 2.98
C ILE A 151 -11.42 -2.01 2.54
N ALA A 152 -12.13 -0.88 2.55
CA ALA A 152 -11.55 0.41 2.15
C ALA A 152 -10.49 0.93 3.13
N LYS A 153 -10.80 0.87 4.42
CA LYS A 153 -9.90 1.37 5.47
C LYS A 153 -8.74 0.41 5.73
N GLY A 154 -9.06 -0.86 5.92
CA GLY A 154 -8.07 -1.91 6.15
C GLY A 154 -7.19 -2.25 4.96
N HIS A 155 -7.66 -1.94 3.76
CA HIS A 155 -6.99 -2.30 2.49
C HIS A 155 -6.81 -3.82 2.38
N GLN A 156 -7.92 -4.52 2.57
CA GLN A 156 -7.94 -5.97 2.62
C GLN A 156 -9.32 -6.48 2.31
N ALA A 157 -9.40 -7.47 1.43
CA ALA A 157 -10.63 -8.20 1.18
C ALA A 157 -10.32 -9.68 1.34
N VAL A 158 -11.31 -10.43 1.81
CA VAL A 158 -11.18 -11.86 1.99
C VAL A 158 -12.27 -12.51 1.18
N VAL A 159 -11.90 -13.21 0.12
CA VAL A 159 -12.87 -13.88 -0.76
C VAL A 159 -13.02 -15.32 -0.28
N VAL A 160 -14.25 -15.68 0.11
CA VAL A 160 -14.61 -17.06 0.51
C VAL A 160 -15.65 -17.63 -0.46
N GLU A 161 -15.91 -18.92 -0.36
CA GLU A 161 -16.76 -19.60 -1.36
C GLU A 161 -18.27 -19.46 -1.13
N GLY A 162 -18.70 -19.44 0.14
CA GLY A 162 -20.13 -19.54 0.48
C GLY A 162 -20.71 -18.44 1.35
N TYR A 163 -22.01 -18.56 1.62
CA TYR A 163 -22.77 -17.57 2.43
C TYR A 163 -22.41 -17.75 3.89
N THR A 164 -22.46 -19.00 4.33
CA THR A 164 -22.12 -19.39 5.70
C THR A 164 -20.65 -19.09 6.02
N ASP A 165 -19.78 -19.16 5.01
CA ASP A 165 -18.36 -18.81 5.15
C ASP A 165 -18.18 -17.31 5.44
N VAL A 166 -18.99 -16.48 4.79
CA VAL A 166 -18.97 -15.03 5.05
C VAL A 166 -19.48 -14.73 6.46
N MET A 167 -20.55 -15.43 6.85
CA MET A 167 -21.16 -15.25 8.18
C MET A 167 -20.15 -15.60 9.27
N ALA A 168 -19.60 -16.81 9.19
CA ALA A 168 -18.55 -17.29 10.09
C ALA A 168 -17.36 -16.33 10.22
N MET A 169 -16.92 -15.78 9.10
CA MET A 169 -15.80 -14.84 9.07
C MET A 169 -16.13 -13.54 9.79
N HIS A 170 -17.32 -13.01 9.53
CA HIS A 170 -17.75 -11.73 10.14
C HIS A 170 -17.99 -11.85 11.65
N LEU A 171 -18.61 -12.94 12.07
CA LEU A 171 -18.76 -13.23 13.51
C LEU A 171 -17.43 -13.42 14.20
N ALA A 172 -16.47 -13.99 13.49
CA ALA A 172 -15.10 -14.17 13.99
C ALA A 172 -14.23 -12.91 13.94
N GLY A 173 -14.80 -11.75 13.59
CA GLY A 173 -14.05 -10.49 13.56
C GLY A 173 -13.43 -10.15 12.21
N VAL A 174 -13.38 -11.12 11.29
CA VAL A 174 -12.93 -10.89 9.92
C VAL A 174 -14.08 -10.22 9.18
N THR A 175 -14.09 -8.89 9.25
CA THR A 175 -15.14 -8.05 8.68
C THR A 175 -14.84 -7.58 7.25
N THR A 176 -13.87 -8.22 6.60
CA THR A 176 -13.55 -7.96 5.20
C THR A 176 -13.93 -9.14 4.28
N ALA A 177 -14.76 -10.06 4.76
CA ALA A 177 -15.09 -11.28 4.02
C ALA A 177 -16.27 -11.09 3.07
N VAL A 178 -16.09 -11.48 1.81
CA VAL A 178 -17.14 -11.46 0.77
C VAL A 178 -17.22 -12.80 0.06
N ALA A 179 -18.26 -12.98 -0.75
CA ALA A 179 -18.46 -14.23 -1.48
C ALA A 179 -19.25 -14.05 -2.78
N SER A 180 -18.88 -14.81 -3.80
CA SER A 180 -19.62 -14.88 -5.05
C SER A 180 -20.90 -15.70 -4.84
N CYS A 181 -21.93 -15.41 -5.64
CA CYS A 181 -23.24 -16.04 -5.49
C CYS A 181 -23.67 -16.70 -6.80
N GLY A 182 -23.59 -18.03 -6.84
CA GLY A 182 -24.07 -18.82 -7.98
C GLY A 182 -22.98 -19.22 -8.96
N THR A 183 -22.19 -18.24 -9.38
CA THR A 183 -21.03 -18.48 -10.24
C THR A 183 -19.76 -18.28 -9.46
N ALA A 184 -18.64 -18.68 -10.07
CA ALA A 184 -17.33 -18.51 -9.48
C ALA A 184 -16.90 -17.04 -9.53
N PHE A 185 -15.85 -16.75 -8.77
CA PHE A 185 -15.31 -15.40 -8.65
C PHE A 185 -14.60 -14.99 -9.92
N GLY A 186 -15.12 -13.98 -10.60
CA GLY A 186 -14.53 -13.44 -11.83
C GLY A 186 -13.92 -12.04 -11.70
N GLY A 187 -13.72 -11.42 -12.86
CA GLY A 187 -13.04 -10.16 -12.98
C GLY A 187 -13.86 -8.96 -12.54
N GLU A 188 -15.17 -9.01 -12.75
CA GLU A 188 -16.04 -7.91 -12.34
C GLU A 188 -16.15 -7.80 -10.81
N HIS A 189 -16.06 -8.94 -10.12
CA HIS A 189 -15.94 -8.96 -8.65
C HIS A 189 -14.58 -8.42 -8.24
N LEU A 190 -13.53 -8.98 -8.84
CA LEU A 190 -12.15 -8.61 -8.55
C LEU A 190 -11.87 -7.12 -8.79
N ALA A 191 -12.27 -6.64 -9.96
CA ALA A 191 -12.08 -5.24 -10.36
C ALA A 191 -12.83 -4.23 -9.49
N MET A 192 -13.89 -4.69 -8.82
CA MET A 192 -14.64 -3.84 -7.90
C MET A 192 -13.94 -3.70 -6.53
N LEU A 193 -13.45 -4.82 -5.99
CA LEU A 193 -12.69 -4.83 -4.73
C LEU A 193 -11.35 -4.09 -4.84
N ARG A 194 -10.70 -4.23 -5.99
CA ARG A 194 -9.53 -3.42 -6.35
C ARG A 194 -9.86 -1.92 -6.24
N ARG A 195 -10.90 -1.48 -6.96
CA ARG A 195 -11.43 -0.09 -6.87
C ARG A 195 -11.66 0.33 -5.43
N LEU A 196 -12.27 -0.56 -4.66
CA LEU A 196 -12.62 -0.31 -3.26
C LEU A 196 -11.41 -0.12 -2.35
N MET A 197 -10.44 -1.04 -2.46
CA MET A 197 -9.22 -1.02 -1.63
C MET A 197 -8.24 0.10 -1.93
N MET A 198 -8.40 0.76 -3.08
CA MET A 198 -7.64 1.99 -3.37
C MET A 198 -7.96 3.13 -2.41
N ASP A 199 -9.16 3.09 -1.82
CA ASP A 199 -9.60 4.04 -0.80
C ASP A 199 -9.75 5.45 -1.39
N ASP A 200 -10.28 5.51 -2.62
CA ASP A 200 -10.36 6.74 -3.41
C ASP A 200 -9.01 7.47 -3.49
N SER A 201 -7.95 6.68 -3.60
CA SER A 201 -6.57 7.17 -3.49
C SER A 201 -5.62 6.22 -4.23
N PHE A 202 -4.39 6.07 -3.75
CA PHE A 202 -3.31 5.38 -4.50
C PHE A 202 -2.93 4.01 -3.92
N PHE A 203 -3.77 3.45 -3.04
CA PHE A 203 -3.36 2.34 -2.17
C PHE A 203 -3.44 0.95 -2.81
N ARG A 204 -2.43 0.14 -2.53
CA ARG A 204 -2.45 -1.29 -2.84
C ARG A 204 -2.96 -2.04 -1.62
N GLY A 205 -3.98 -2.87 -1.82
CA GLY A 205 -4.57 -3.69 -0.75
C GLY A 205 -4.35 -5.16 -1.03
N GLU A 206 -4.33 -5.96 0.03
CA GLU A 206 -4.04 -7.40 -0.07
C GLU A 206 -5.33 -8.22 -0.18
N LEU A 207 -5.51 -8.84 -1.35
CA LEU A 207 -6.70 -9.65 -1.63
C LEU A 207 -6.41 -11.09 -1.21
N ILE A 208 -7.26 -11.65 -0.34
CA ILE A 208 -7.01 -12.95 0.30
C ILE A 208 -8.10 -13.97 -0.05
N TYR A 209 -7.76 -14.93 -0.89
CA TYR A 209 -8.69 -16.00 -1.25
C TYR A 209 -8.63 -17.07 -0.18
N VAL A 210 -9.78 -17.65 0.15
CA VAL A 210 -9.88 -18.69 1.18
C VAL A 210 -10.63 -19.89 0.61
N PHE A 211 -9.90 -20.98 0.37
CA PHE A 211 -10.46 -22.16 -0.28
C PHE A 211 -10.72 -23.30 0.72
N ASP A 212 -11.69 -24.14 0.37
CA ASP A 212 -12.09 -25.30 1.19
C ASP A 212 -11.09 -26.44 1.03
N GLY A 213 -10.90 -26.89 -0.21
CA GLY A 213 -10.03 -28.03 -0.54
C GLY A 213 -8.71 -27.61 -1.18
N ASP A 214 -8.48 -28.05 -2.41
CA ASP A 214 -7.15 -27.92 -3.07
C ASP A 214 -7.17 -27.79 -4.60
N GLU A 215 -8.12 -28.44 -5.29
CA GLU A 215 -8.37 -28.20 -6.72
C GLU A 215 -8.56 -26.70 -7.01
N ALA A 216 -9.21 -25.99 -6.08
CA ALA A 216 -9.33 -24.53 -6.14
C ALA A 216 -7.97 -23.85 -6.03
N GLY A 217 -7.19 -24.26 -5.01
CA GLY A 217 -5.81 -23.78 -4.81
C GLY A 217 -4.88 -24.06 -5.99
N ARG A 218 -5.07 -25.22 -6.61
CA ARG A 218 -4.39 -25.56 -7.88
C ARG A 218 -4.81 -24.61 -9.00
N ALA A 219 -6.12 -24.47 -9.21
CA ALA A 219 -6.68 -23.60 -10.24
C ALA A 219 -6.18 -22.15 -10.13
N ALA A 220 -6.11 -21.66 -8.89
CA ALA A 220 -5.54 -20.33 -8.60
C ALA A 220 -4.02 -20.31 -8.82
N ALA A 221 -3.34 -21.38 -8.41
CA ALA A 221 -1.90 -21.53 -8.66
C ALA A 221 -1.56 -21.52 -10.15
N LEU A 222 -2.34 -22.24 -10.94
CA LEU A 222 -2.21 -22.24 -12.41
C LEU A 222 -2.42 -20.84 -13.00
N LYS A 223 -3.49 -20.17 -12.59
CA LYS A 223 -3.83 -18.83 -13.11
C LYS A 223 -2.93 -17.69 -12.65
N ALA A 224 -2.10 -17.93 -11.63
CA ALA A 224 -1.18 -16.91 -11.09
C ALA A 224 -0.31 -16.20 -12.13
N PHE A 225 0.17 -16.95 -13.14
CA PHE A 225 1.17 -16.44 -14.09
C PHE A 225 0.59 -15.91 -15.43
N ASP A 226 -0.73 -15.78 -15.52
CA ASP A 226 -1.41 -15.55 -16.81
C ASP A 226 -1.46 -14.09 -17.25
N GLY A 227 -0.98 -13.83 -18.47
CA GLY A 227 -1.00 -12.50 -19.07
C GLY A 227 -0.23 -11.47 -18.27
N GLU A 228 -0.70 -10.21 -18.31
CA GLU A 228 -0.19 -9.18 -17.42
C GLU A 228 -0.71 -9.51 -16.02
N GLN A 229 0.20 -9.46 -15.05
CA GLN A 229 0.03 -10.11 -13.75
C GLN A 229 0.29 -9.06 -12.67
N LYS A 230 -0.50 -8.00 -12.73
CA LYS A 230 -0.30 -6.81 -11.89
C LYS A 230 -0.87 -7.01 -10.49
N LEU A 231 -2.10 -7.52 -10.41
CA LEU A 231 -2.74 -7.79 -9.13
C LEU A 231 -2.47 -9.19 -8.59
N ALA A 232 -1.83 -10.04 -9.39
CA ALA A 232 -1.32 -11.34 -8.92
C ALA A 232 -0.24 -11.16 -7.85
N GLY A 233 0.56 -10.11 -7.98
CA GLY A 233 1.56 -9.73 -6.97
C GLY A 233 0.99 -9.39 -5.61
N GLN A 234 -0.22 -8.81 -5.60
CA GLN A 234 -0.90 -8.44 -4.36
C GLN A 234 -1.94 -9.45 -3.88
N SER A 235 -2.14 -10.54 -4.62
CA SER A 235 -3.08 -11.60 -4.23
C SER A 235 -2.44 -12.54 -3.20
N PHE A 236 -3.29 -13.19 -2.41
CA PHE A 236 -2.86 -14.14 -1.37
C PHE A 236 -3.85 -15.30 -1.25
N VAL A 237 -3.36 -16.41 -0.68
CA VAL A 237 -4.13 -17.64 -0.54
C VAL A 237 -4.01 -18.19 0.89
N ALA A 238 -5.12 -18.73 1.40
CA ALA A 238 -5.17 -19.43 2.68
C ALA A 238 -6.10 -20.63 2.56
N VAL A 239 -5.68 -21.78 3.10
CA VAL A 239 -6.45 -23.04 3.00
C VAL A 239 -6.59 -23.69 4.36
N ALA A 240 -7.80 -24.12 4.68
CA ALA A 240 -8.09 -24.74 5.97
C ALA A 240 -7.61 -26.19 5.98
N PRO A 241 -7.14 -26.69 7.15
CA PRO A 241 -6.67 -28.07 7.20
C PRO A 241 -7.80 -29.09 7.05
N ASP A 242 -7.45 -30.26 6.50
CA ASP A 242 -8.37 -31.39 6.31
C ASP A 242 -9.62 -31.05 5.47
N GLY A 243 -9.47 -30.15 4.51
CA GLY A 243 -10.53 -29.81 3.55
C GLY A 243 -11.84 -29.30 4.13
N MET A 244 -11.75 -28.40 5.12
CA MET A 244 -12.93 -27.84 5.80
C MET A 244 -13.21 -26.43 5.29
N ASP A 245 -14.49 -26.06 5.24
CA ASP A 245 -14.87 -24.67 4.92
C ASP A 245 -14.73 -23.80 6.18
N PRO A 246 -14.54 -22.47 6.02
CA PRO A 246 -14.45 -21.54 7.14
C PRO A 246 -15.53 -21.65 8.21
N CYS A 247 -16.75 -22.01 7.79
CA CYS A 247 -17.86 -22.19 8.73
C CYS A 247 -17.62 -23.35 9.70
N ASP A 248 -17.26 -24.51 9.15
CA ASP A 248 -16.93 -25.69 9.97
C ASP A 248 -15.60 -25.60 10.71
N LEU A 249 -14.65 -24.80 10.18
CA LEU A 249 -13.41 -24.50 10.92
C LEU A 249 -13.74 -23.76 12.21
N ARG A 250 -14.75 -22.91 12.16
CA ARG A 250 -15.24 -22.18 13.33
C ARG A 250 -15.98 -23.10 14.31
N LEU A 251 -16.85 -23.96 13.78
CA LEU A 251 -17.56 -24.94 14.61
C LEU A 251 -16.62 -25.73 15.50
N LYS A 252 -15.66 -26.40 14.87
CA LYS A 252 -14.74 -27.30 15.58
C LYS A 252 -13.67 -26.51 16.34
N CYS A 253 -12.84 -25.77 15.61
CA CYS A 253 -11.67 -25.09 16.18
C CYS A 253 -11.87 -23.63 16.63
N GLY A 254 -13.12 -23.15 16.68
CA GLY A 254 -13.43 -21.83 17.24
C GLY A 254 -13.07 -20.63 16.38
N ASP A 255 -13.33 -19.44 16.91
CA ASP A 255 -13.09 -18.17 16.19
C ASP A 255 -11.62 -17.79 16.03
N ALA A 256 -10.75 -18.33 16.88
CA ALA A 256 -9.31 -18.03 16.80
C ALA A 256 -8.63 -18.59 15.56
N ALA A 257 -9.10 -19.77 15.10
CA ALA A 257 -8.56 -20.41 13.90
C ALA A 257 -8.75 -19.54 12.65
N LEU A 258 -9.96 -19.01 12.48
CA LEU A 258 -10.32 -18.19 11.33
C LEU A 258 -9.48 -16.92 11.23
N ARG A 259 -9.35 -16.19 12.33
CA ARG A 259 -8.54 -14.96 12.34
C ARG A 259 -7.07 -15.21 11.98
N ASP A 260 -6.55 -16.37 12.39
CA ASP A 260 -5.15 -16.72 12.15
C ASP A 260 -4.93 -17.45 10.83
N LEU A 261 -5.95 -18.15 10.36
CA LEU A 261 -5.97 -18.67 8.97
C LEU A 261 -5.73 -17.52 7.99
N VAL A 262 -6.45 -16.43 8.21
CA VAL A 262 -6.28 -15.18 7.46
C VAL A 262 -4.87 -14.61 7.67
N ALA A 263 -4.42 -14.56 8.92
CA ALA A 263 -3.08 -14.06 9.25
C ALA A 263 -1.95 -14.89 8.64
N ARG A 264 -2.16 -16.20 8.55
CA ARG A 264 -1.16 -17.13 8.00
C ARG A 264 -1.36 -17.43 6.51
N ARG A 265 -2.01 -16.51 5.79
CA ARG A 265 -2.14 -16.61 4.33
C ARG A 265 -0.77 -16.45 3.65
N THR A 266 -0.66 -17.06 2.48
CA THR A 266 0.57 -17.11 1.69
C THR A 266 0.42 -16.25 0.45
N PRO A 267 1.51 -15.64 -0.04
CA PRO A 267 1.47 -15.05 -1.38
C PRO A 267 1.15 -16.07 -2.49
N LEU A 268 0.41 -15.63 -3.50
CA LEU A 268 -0.06 -16.49 -4.58
C LEU A 268 1.09 -17.19 -5.31
N PHE A 269 2.14 -16.43 -5.64
CA PHE A 269 3.30 -17.00 -6.34
C PHE A 269 4.03 -18.04 -5.47
N GLU A 270 4.30 -17.66 -4.22
CA GLU A 270 4.88 -18.59 -3.24
C GLU A 270 4.09 -19.89 -3.13
N PHE A 271 2.77 -19.78 -3.03
CA PHE A 271 1.88 -20.94 -2.95
C PHE A 271 1.98 -21.84 -4.18
N ALA A 272 1.98 -21.21 -5.36
CA ALA A 272 2.04 -21.94 -6.63
C ALA A 272 3.36 -22.69 -6.82
N ILE A 273 4.47 -22.03 -6.49
CA ILE A 273 5.80 -22.63 -6.59
C ILE A 273 5.96 -23.81 -5.64
N ARG A 274 5.59 -23.61 -4.37
CA ARG A 274 5.71 -24.63 -3.34
C ARG A 274 4.74 -25.79 -3.50
N ALA A 275 3.56 -25.51 -4.08
CA ALA A 275 2.63 -26.56 -4.49
C ALA A 275 3.28 -27.54 -5.46
N ALA A 276 4.10 -27.02 -6.37
CA ALA A 276 4.86 -27.85 -7.32
C ALA A 276 6.00 -28.61 -6.65
N ILE A 277 6.67 -27.97 -5.68
CA ILE A 277 7.71 -28.60 -4.86
C ILE A 277 7.13 -29.72 -3.97
N ALA A 278 5.91 -29.52 -3.48
CA ALA A 278 5.19 -30.52 -2.69
C ALA A 278 4.92 -31.85 -3.42
N GLU A 279 4.92 -31.82 -4.75
CA GLU A 279 4.71 -33.03 -5.57
C GLU A 279 6.01 -33.75 -6.00
N MET A 280 7.13 -33.47 -5.33
CA MET A 280 8.43 -34.05 -5.71
C MET A 280 9.22 -34.58 -4.53
N ASP A 281 10.07 -35.57 -4.80
CA ASP A 281 10.88 -36.21 -3.76
C ASP A 281 12.10 -35.36 -3.43
N LEU A 282 12.02 -34.63 -2.32
CA LEU A 282 13.14 -33.83 -1.82
C LEU A 282 14.15 -34.66 -1.00
N ASP A 283 13.92 -35.95 -0.84
CA ASP A 283 14.77 -36.77 0.04
C ASP A 283 16.17 -36.95 -0.51
N SER A 284 16.24 -37.46 -1.74
CA SER A 284 17.52 -37.64 -2.43
C SER A 284 18.04 -36.29 -2.94
N ALA A 285 19.33 -36.21 -3.18
CA ALA A 285 19.97 -35.01 -3.75
C ALA A 285 19.63 -34.84 -5.23
N GLU A 286 19.39 -35.95 -5.92
CA GLU A 286 18.98 -35.93 -7.35
C GLU A 286 17.53 -35.47 -7.52
N GLY A 287 16.72 -35.63 -6.49
CA GLY A 287 15.37 -35.05 -6.45
C GLY A 287 15.39 -33.55 -6.22
N ARG A 288 16.21 -33.10 -5.26
CA ARG A 288 16.49 -31.66 -5.02
C ARG A 288 16.78 -30.88 -6.31
N VAL A 289 17.61 -31.46 -7.17
CA VAL A 289 18.01 -30.83 -8.44
C VAL A 289 16.89 -30.75 -9.48
N ALA A 290 16.13 -31.83 -9.59
CA ALA A 290 14.94 -31.86 -10.44
C ALA A 290 13.89 -30.81 -10.01
N ALA A 291 13.75 -30.61 -8.70
CA ALA A 291 12.83 -29.61 -8.14
C ALA A 291 13.23 -28.20 -8.52
N LEU A 292 14.51 -27.87 -8.28
CA LEU A 292 15.10 -26.59 -8.72
C LEU A 292 14.84 -26.34 -10.20
N ARG A 293 14.98 -27.40 -11.01
CA ARG A 293 14.75 -27.34 -12.45
C ARG A 293 13.30 -27.12 -12.88
N ARG A 294 12.34 -27.59 -12.09
CA ARG A 294 10.92 -27.35 -12.36
C ARG A 294 10.47 -25.94 -11.97
N CYS A 295 11.16 -25.33 -11.01
CA CYS A 295 10.71 -24.06 -10.42
C CYS A 295 11.31 -22.80 -11.05
N VAL A 296 12.53 -22.85 -11.59
CA VAL A 296 13.09 -21.67 -12.28
C VAL A 296 12.41 -21.33 -13.63
N PRO A 297 11.71 -22.29 -14.25
CA PRO A 297 10.71 -21.96 -15.29
C PRO A 297 9.53 -21.14 -14.78
N MET A 298 9.01 -21.51 -13.60
CA MET A 298 7.90 -20.78 -12.97
C MET A 298 8.36 -19.38 -12.54
N VAL A 299 9.49 -19.33 -11.83
CA VAL A 299 10.08 -18.07 -11.39
C VAL A 299 10.38 -17.18 -12.60
N GLY A 300 10.83 -17.80 -13.70
CA GLY A 300 11.07 -17.11 -14.98
C GLY A 300 9.84 -16.43 -15.57
N GLN A 301 8.68 -17.05 -15.41
CA GLN A 301 7.41 -16.47 -15.87
C GLN A 301 6.92 -15.25 -15.09
N ILE A 302 7.51 -14.96 -13.93
CA ILE A 302 7.21 -13.72 -13.19
C ILE A 302 7.81 -12.54 -13.98
N LYS A 303 6.97 -11.55 -14.30
CA LYS A 303 7.33 -10.43 -15.17
C LYS A 303 7.98 -9.28 -14.44
N ASP A 304 7.61 -9.12 -13.18
CA ASP A 304 8.27 -8.14 -12.33
C ASP A 304 9.70 -8.63 -12.04
N PRO A 305 10.70 -7.75 -12.24
CA PRO A 305 12.07 -8.14 -11.85
C PRO A 305 12.26 -8.33 -10.34
N THR A 306 11.69 -7.42 -9.54
CA THR A 306 11.87 -7.43 -8.08
C THR A 306 11.28 -8.67 -7.42
N LEU A 307 10.06 -9.02 -7.79
CA LEU A 307 9.40 -10.25 -7.29
C LEU A 307 10.18 -11.50 -7.67
N ARG A 308 10.49 -11.60 -8.97
CA ARG A 308 11.28 -12.70 -9.49
C ARG A 308 12.54 -12.92 -8.66
N ASP A 309 13.29 -11.85 -8.42
CA ASP A 309 14.50 -11.90 -7.61
C ASP A 309 14.24 -12.39 -6.18
N GLU A 310 13.20 -11.85 -5.55
CA GLU A 310 12.79 -12.28 -4.21
C GLU A 310 12.31 -13.73 -4.17
N TYR A 311 11.70 -14.20 -5.26
CA TYR A 311 11.28 -15.60 -5.40
C TYR A 311 12.41 -16.56 -5.79
N ALA A 312 13.34 -16.09 -6.62
CA ALA A 312 14.59 -16.84 -6.92
C ALA A 312 15.54 -16.91 -5.72
N ARG A 313 15.44 -15.95 -4.82
CA ARG A 313 16.23 -15.95 -3.57
C ARG A 313 15.84 -17.15 -2.71
N GLN A 314 14.55 -17.22 -2.38
CA GLN A 314 14.03 -18.22 -1.45
C GLN A 314 14.01 -19.64 -1.99
N LEU A 315 14.17 -19.79 -3.30
CA LEU A 315 14.07 -21.08 -3.98
C LEU A 315 15.05 -22.14 -3.46
N ALA A 316 16.18 -21.71 -2.90
CA ALA A 316 17.10 -22.61 -2.20
C ALA A 316 16.42 -23.20 -0.96
N GLY A 317 15.95 -22.32 -0.07
CA GLY A 317 15.33 -22.70 1.19
C GLY A 317 14.13 -23.62 1.06
N TRP A 318 13.29 -23.36 0.06
CA TRP A 318 12.07 -24.15 -0.16
C TRP A 318 12.34 -25.53 -0.73
N VAL A 319 13.50 -25.69 -1.37
CA VAL A 319 13.98 -26.99 -1.89
C VAL A 319 14.63 -27.86 -0.77
N GLY A 320 14.88 -27.27 0.40
CA GLY A 320 15.53 -27.97 1.52
C GLY A 320 17.04 -27.85 1.41
N TRP A 321 17.50 -26.63 1.12
CA TRP A 321 18.91 -26.29 0.89
C TRP A 321 19.60 -26.87 -0.38
N ALA A 322 18.82 -27.47 -1.29
CA ALA A 322 19.33 -28.00 -2.57
C ALA A 322 20.53 -28.95 -2.42
N HIS B 3 11.08 34.67 -26.57
CA HIS B 3 12.43 34.35 -26.01
C HIS B 3 12.64 34.85 -24.58
N MET B 4 12.36 36.14 -24.37
CA MET B 4 12.85 36.87 -23.19
C MET B 4 12.14 36.45 -21.90
N GLY B 5 12.87 35.74 -21.03
CA GLY B 5 12.37 35.31 -19.72
C GLY B 5 11.47 34.09 -19.71
N SER B 6 11.60 33.22 -20.71
CA SER B 6 10.83 31.97 -20.77
C SER B 6 11.49 30.91 -19.90
N ARG B 7 10.74 29.86 -19.58
CA ARG B 7 11.25 28.73 -18.79
C ARG B 7 12.51 28.14 -19.43
N SER B 8 12.48 27.91 -20.74
CA SER B 8 13.62 27.35 -21.46
C SER B 8 14.82 28.30 -21.52
N ARG B 9 14.55 29.61 -21.51
CA ARG B 9 15.61 30.62 -21.48
C ARG B 9 16.31 30.67 -20.12
N LEU B 10 15.53 30.68 -19.05
CA LEU B 10 16.06 30.64 -17.68
C LEU B 10 16.83 29.34 -17.41
N LEU B 11 16.32 28.22 -17.90
CA LEU B 11 17.01 26.94 -17.78
C LEU B 11 18.34 26.92 -18.51
N ALA B 12 18.41 27.63 -19.64
CA ALA B 12 19.67 27.81 -20.37
C ALA B 12 20.67 28.70 -19.61
N ALA B 13 20.16 29.66 -18.84
CA ALA B 13 21.00 30.55 -18.01
C ALA B 13 21.64 29.81 -16.83
N ASN B 14 20.80 29.09 -16.10
CA ASN B 14 21.26 28.21 -15.00
C ASN B 14 22.21 27.12 -15.49
N ALA B 15 21.96 26.63 -16.71
CA ALA B 15 22.85 25.67 -17.37
C ALA B 15 24.21 26.28 -17.66
N ALA B 16 24.20 27.51 -18.18
CA ALA B 16 25.44 28.26 -18.41
C ALA B 16 26.18 28.57 -17.11
N ALA B 17 25.42 28.93 -16.07
CA ALA B 17 25.98 29.28 -14.75
C ALA B 17 26.67 28.11 -14.06
N ALA B 18 26.04 26.94 -14.11
CA ALA B 18 26.59 25.71 -13.55
C ALA B 18 27.94 25.35 -14.16
N ALA B 19 28.03 25.46 -15.48
CA ALA B 19 29.28 25.22 -16.22
C ALA B 19 30.40 26.16 -15.80
N PHE B 20 30.05 27.44 -15.64
CA PHE B 20 31.00 28.47 -15.21
C PHE B 20 31.52 28.19 -13.80
N TYR B 21 30.60 27.90 -12.89
CA TYR B 21 30.95 27.54 -11.51
C TYR B 21 31.78 26.25 -11.45
N ALA B 22 31.42 25.26 -12.28
CA ALA B 22 32.15 23.99 -12.39
C ALA B 22 33.61 24.23 -12.80
N GLN B 23 33.80 25.12 -13.77
CA GLN B 23 35.15 25.54 -14.20
C GLN B 23 35.88 26.25 -13.08
N ALA B 24 35.20 27.20 -12.44
CA ALA B 24 35.77 27.97 -11.33
C ALA B 24 36.32 27.14 -10.17
N LEU B 25 35.84 25.91 -10.01
CA LEU B 25 36.41 24.97 -9.04
C LEU B 25 37.89 24.63 -9.28
N GLN B 26 38.36 24.77 -10.53
CA GLN B 26 39.77 24.50 -10.86
C GLN B 26 40.69 25.74 -10.82
N SER B 27 40.36 26.72 -9.96
CA SER B 27 41.16 27.94 -9.79
C SER B 27 41.99 27.88 -8.51
N ASP B 28 42.84 28.88 -8.31
CA ASP B 28 43.71 28.94 -7.14
C ASP B 28 42.97 29.35 -5.87
N GLU B 29 42.13 30.39 -5.97
CA GLU B 29 41.29 30.84 -4.83
C GLU B 29 40.22 29.83 -4.41
N ALA B 30 39.84 28.94 -5.33
CA ALA B 30 38.92 27.84 -5.04
C ALA B 30 39.51 26.73 -4.16
N ALA B 31 40.84 26.72 -3.98
CA ALA B 31 41.55 25.69 -3.20
C ALA B 31 40.83 25.13 -1.95
N PRO B 32 40.35 25.99 -1.02
CA PRO B 32 39.61 25.48 0.15
C PRO B 32 38.26 24.78 -0.16
N ALA B 33 37.65 25.07 -1.30
CA ALA B 33 36.45 24.36 -1.77
C ALA B 33 36.77 22.91 -2.16
N ARG B 34 37.85 22.74 -2.91
CA ARG B 34 38.38 21.39 -3.22
C ARG B 34 38.83 20.63 -1.97
N GLN B 35 39.43 21.36 -1.02
CA GLN B 35 39.92 20.78 0.22
C GLN B 35 38.77 20.25 1.09
N TYR B 36 37.68 21.01 1.17
CA TYR B 36 36.44 20.56 1.82
C TYR B 36 35.99 19.20 1.31
N LEU B 37 36.05 19.02 -0.01
CA LEU B 37 35.61 17.79 -0.68
C LEU B 37 36.54 16.62 -0.39
N THR B 38 37.83 16.82 -0.64
CA THR B 38 38.85 15.79 -0.41
C THR B 38 39.06 15.46 1.08
N GLU B 39 38.81 16.43 1.97
CA GLU B 39 38.85 16.19 3.42
C GLU B 39 37.80 15.15 3.85
N ARG B 40 36.70 15.06 3.12
CA ARG B 40 35.71 13.99 3.30
C ARG B 40 35.58 13.08 2.06
N SER B 41 36.74 12.72 1.52
CA SER B 41 36.91 11.63 0.55
C SER B 41 36.07 11.69 -0.74
N PHE B 42 35.83 12.91 -1.23
CA PHE B 42 35.22 13.10 -2.55
C PHE B 42 36.31 13.52 -3.54
N ASP B 43 36.48 12.72 -4.60
CA ASP B 43 37.56 12.93 -5.60
C ASP B 43 37.09 13.82 -6.77
N ALA B 44 38.01 14.13 -7.67
CA ALA B 44 37.72 14.94 -8.85
C ALA B 44 36.67 14.33 -9.79
N ALA B 45 36.55 13.01 -9.78
CA ALA B 45 35.49 12.29 -10.48
C ALA B 45 34.13 12.56 -9.85
N ALA B 46 34.07 12.42 -8.53
CA ALA B 46 32.85 12.66 -7.75
C ALA B 46 32.35 14.09 -7.91
N ALA B 47 33.26 15.06 -7.73
CA ALA B 47 32.95 16.49 -7.90
C ALA B 47 32.37 16.81 -9.28
N ARG B 48 32.90 16.16 -10.31
CA ARG B 48 32.39 16.31 -11.68
C ARG B 48 31.05 15.59 -11.88
N LYS B 49 30.86 14.45 -11.24
CA LYS B 49 29.59 13.70 -11.29
C LYS B 49 28.39 14.52 -10.79
N PHE B 50 28.57 15.17 -9.64
CA PHE B 50 27.52 16.00 -9.03
C PHE B 50 27.50 17.47 -9.49
N GLY B 51 28.39 17.82 -10.42
CA GLY B 51 28.43 19.16 -11.00
C GLY B 51 28.96 20.23 -10.06
N CYS B 52 29.75 19.83 -9.06
CA CYS B 52 30.24 20.74 -8.03
C CYS B 52 31.02 21.93 -8.61
N GLY B 53 30.84 23.10 -8.01
CA GLY B 53 31.45 24.34 -8.49
C GLY B 53 31.74 25.33 -7.37
N PHE B 54 32.58 26.31 -7.69
CA PHE B 54 33.00 27.34 -6.74
C PHE B 54 32.52 28.72 -7.21
N ALA B 55 31.76 29.41 -6.37
CA ALA B 55 31.39 30.81 -6.63
C ALA B 55 32.60 31.67 -6.35
N PRO B 56 33.17 32.33 -7.38
CA PRO B 56 34.41 33.08 -7.14
C PRO B 56 34.17 34.42 -6.44
N SER B 57 35.26 35.03 -6.01
CA SER B 57 35.25 36.35 -5.41
C SER B 57 35.06 37.43 -6.49
N GLY B 58 34.71 38.62 -6.02
CA GLY B 58 34.36 39.73 -6.89
C GLY B 58 32.88 40.05 -6.79
N TRP B 59 32.45 40.96 -7.64
CA TRP B 59 31.08 41.48 -7.62
C TRP B 59 30.16 40.81 -8.62
N ASP B 60 30.65 40.64 -9.85
CA ASP B 60 29.81 40.26 -10.99
C ASP B 60 30.54 39.38 -12.01
N SER B 61 31.27 38.37 -11.52
CA SER B 61 32.03 37.47 -12.39
C SER B 61 31.08 36.74 -13.33
N LEU B 62 30.11 36.02 -12.75
CA LEU B 62 29.09 35.29 -13.51
C LEU B 62 28.19 36.22 -14.31
N THR B 63 27.71 37.30 -13.70
CA THR B 63 26.71 38.16 -14.34
C THR B 63 27.20 38.65 -15.70
N LYS B 64 28.42 39.17 -15.73
CA LYS B 64 29.04 39.61 -16.99
C LYS B 64 29.20 38.45 -17.98
N HIS B 65 29.69 37.31 -17.49
CA HIS B 65 29.88 36.08 -18.28
C HIS B 65 28.63 35.66 -19.07
N LEU B 66 27.46 35.81 -18.45
CA LEU B 66 26.17 35.48 -19.08
C LEU B 66 25.65 36.61 -19.98
N GLN B 67 25.93 37.86 -19.59
CA GLN B 67 25.63 39.02 -20.45
C GLN B 67 26.43 38.97 -21.75
N ARG B 68 27.72 38.63 -21.65
CA ARG B 68 28.59 38.47 -22.81
C ARG B 68 28.25 37.27 -23.71
N LYS B 69 27.47 36.32 -23.21
CA LYS B 69 26.85 35.29 -24.05
C LYS B 69 25.32 35.46 -24.12
N GLY B 70 24.87 36.71 -24.30
CA GLY B 70 23.51 37.01 -24.71
C GLY B 70 22.46 37.28 -23.66
N PHE B 71 22.64 36.76 -22.45
CA PHE B 71 21.58 36.80 -21.43
C PHE B 71 21.35 38.20 -20.85
N GLU B 72 20.14 38.71 -21.00
CA GLU B 72 19.76 40.03 -20.48
C GLU B 72 19.59 39.94 -18.96
N PHE B 73 19.91 41.03 -18.27
CA PHE B 73 19.88 41.07 -16.80
C PHE B 73 18.52 40.70 -16.21
N GLU B 74 17.44 41.23 -16.80
CA GLU B 74 16.08 40.94 -16.34
C GLU B 74 15.74 39.44 -16.33
N GLU B 75 16.35 38.68 -17.24
CA GLU B 75 16.26 37.22 -17.24
C GLU B 75 17.03 36.62 -16.04
N LEU B 76 18.24 37.11 -15.81
CA LEU B 76 19.12 36.59 -14.76
C LEU B 76 18.61 36.81 -13.32
N GLU B 77 17.94 37.92 -13.08
CA GLU B 77 17.34 38.19 -11.75
C GLU B 77 16.16 37.26 -11.48
N ALA B 78 15.34 37.02 -12.51
CA ALA B 78 14.23 36.08 -12.43
C ALA B 78 14.67 34.63 -12.30
N ALA B 79 15.82 34.29 -12.89
CA ALA B 79 16.44 32.98 -12.71
C ALA B 79 16.99 32.78 -11.28
N GLY B 80 17.39 33.88 -10.65
CA GLY B 80 17.93 33.88 -9.28
C GLY B 80 19.46 33.84 -9.20
N LEU B 81 20.12 34.12 -10.32
CA LEU B 81 21.58 34.08 -10.41
C LEU B 81 22.20 35.40 -9.95
N SER B 82 21.64 36.51 -10.45
CA SER B 82 22.11 37.86 -10.15
C SER B 82 21.06 38.65 -9.42
N ARG B 83 21.46 39.82 -8.94
CA ARG B 83 20.55 40.77 -8.30
C ARG B 83 21.03 42.21 -8.49
N GLN B 84 20.12 43.16 -8.25
CA GLN B 84 20.42 44.58 -8.44
C GLN B 84 21.26 45.12 -7.28
N GLY B 85 22.46 45.59 -7.61
CA GLY B 85 23.35 46.24 -6.65
C GLY B 85 23.41 47.75 -6.85
N ARG B 86 24.11 48.45 -5.95
CA ARG B 86 24.11 49.92 -5.92
C ARG B 86 24.76 50.52 -7.15
N HIS B 87 25.90 49.98 -7.55
CA HIS B 87 26.57 50.41 -8.78
C HIS B 87 26.37 49.41 -9.93
N GLY B 88 25.15 48.89 -10.03
CA GLY B 88 24.77 47.98 -11.11
C GLY B 88 24.57 46.54 -10.68
N PRO B 89 24.66 45.58 -11.63
CA PRO B 89 24.36 44.19 -11.34
C PRO B 89 25.49 43.47 -10.59
N MET B 90 25.13 42.43 -9.85
CA MET B 90 26.09 41.62 -9.09
C MET B 90 25.59 40.18 -8.90
N ASP B 91 26.55 39.27 -8.69
CA ASP B 91 26.24 37.85 -8.44
C ASP B 91 25.53 37.65 -7.10
N ARG B 92 24.72 36.60 -7.02
CA ARG B 92 24.08 36.23 -5.75
C ARG B 92 25.06 35.49 -4.84
N PHE B 93 25.82 34.56 -5.42
CA PHE B 93 26.74 33.71 -4.67
C PHE B 93 28.18 34.20 -4.76
N HIS B 94 28.88 34.16 -3.62
CA HIS B 94 30.26 34.63 -3.51
C HIS B 94 31.09 33.77 -2.56
N ARG B 95 32.22 33.27 -3.06
CA ARG B 95 33.26 32.60 -2.24
C ARG B 95 32.69 31.42 -1.46
N ARG B 96 32.05 30.51 -2.20
CA ARG B 96 31.34 29.37 -1.61
C ARG B 96 31.40 28.15 -2.53
N LEU B 97 31.39 26.96 -1.94
CA LEU B 97 31.26 25.70 -2.66
C LEU B 97 29.81 25.46 -3.01
N LEU B 98 29.52 25.36 -4.32
CA LEU B 98 28.16 25.21 -4.84
C LEU B 98 27.85 23.79 -5.30
N TRP B 99 26.59 23.40 -5.15
CA TRP B 99 26.04 22.17 -5.73
C TRP B 99 24.87 22.56 -6.62
N PRO B 100 24.91 22.21 -7.92
CA PRO B 100 23.76 22.48 -8.79
C PRO B 100 22.56 21.59 -8.47
N ILE B 101 21.45 22.23 -8.11
CA ILE B 101 20.22 21.55 -7.76
C ILE B 101 19.39 21.39 -9.04
N ARG B 102 19.18 20.14 -9.47
CA ARG B 102 18.52 19.84 -10.75
C ARG B 102 17.10 19.29 -10.59
N THR B 103 16.37 19.29 -11.72
CA THR B 103 15.10 18.58 -11.86
C THR B 103 15.38 17.10 -12.07
N SER B 104 14.34 16.30 -12.02
CA SER B 104 14.43 14.86 -12.32
C SER B 104 14.84 14.62 -13.80
N ALA B 105 14.49 15.55 -14.68
CA ALA B 105 14.92 15.55 -16.08
C ALA B 105 16.42 15.85 -16.27
N GLY B 106 17.05 16.47 -15.28
CA GLY B 106 18.48 16.81 -15.30
C GLY B 106 18.79 18.26 -15.59
N GLU B 107 17.76 19.12 -15.57
CA GLU B 107 17.90 20.53 -15.89
C GLU B 107 18.17 21.31 -14.61
N VAL B 108 19.16 22.20 -14.64
CA VAL B 108 19.55 22.96 -13.45
C VAL B 108 18.54 24.08 -13.20
N VAL B 109 17.98 24.09 -12.00
CA VAL B 109 17.00 25.12 -11.57
C VAL B 109 17.53 26.07 -10.49
N GLY B 110 18.69 25.77 -9.92
CA GLY B 110 19.21 26.53 -8.78
C GLY B 110 20.47 25.92 -8.20
N PHE B 111 20.89 26.46 -7.05
CA PHE B 111 22.15 26.07 -6.41
C PHE B 111 22.05 26.10 -4.89
N GLY B 112 22.77 25.16 -4.26
CA GLY B 112 23.04 25.17 -2.83
C GLY B 112 24.50 25.53 -2.62
N ALA B 113 24.78 26.44 -1.68
CA ALA B 113 26.10 27.02 -1.50
C ALA B 113 26.54 26.94 -0.04
N ARG B 114 27.72 26.39 0.22
CA ARG B 114 28.25 26.29 1.59
C ARG B 114 29.30 27.34 1.88
N ARG B 115 29.28 27.85 3.10
CA ARG B 115 30.27 28.81 3.59
C ARG B 115 31.62 28.11 3.68
N LEU B 116 32.68 28.82 3.28
CA LEU B 116 34.06 28.35 3.42
C LEU B 116 34.92 29.24 4.31
N PHE B 117 34.87 30.56 4.09
CA PHE B 117 35.78 31.51 4.74
C PHE B 117 35.15 32.18 5.97
N ASP B 118 35.99 32.46 6.97
CA ASP B 118 35.54 33.09 8.23
C ASP B 118 35.13 34.56 8.06
N ASP B 119 35.82 35.27 7.17
CA ASP B 119 35.55 36.69 6.89
C ASP B 119 34.40 36.96 5.91
N ASP B 120 33.74 35.89 5.43
CA ASP B 120 32.64 36.01 4.49
C ASP B 120 31.43 36.67 5.14
N ALA B 121 31.04 37.83 4.58
CA ALA B 121 29.92 38.64 5.11
C ALA B 121 28.64 37.84 5.36
N MET B 122 28.34 36.92 4.43
CA MET B 122 27.19 36.02 4.57
C MET B 122 27.51 34.95 5.63
N GLU B 123 27.04 35.21 6.85
CA GLU B 123 27.37 34.37 8.02
C GLU B 123 26.57 33.07 8.12
N ALA B 124 25.54 32.91 7.31
CA ALA B 124 24.78 31.65 7.25
C ALA B 124 25.64 30.51 6.70
N LYS B 125 25.41 29.31 7.20
CA LYS B 125 26.21 28.13 6.85
C LYS B 125 25.88 27.60 5.45
N TYR B 126 24.59 27.64 5.09
CA TYR B 126 24.12 27.27 3.76
C TYR B 126 23.17 28.34 3.20
N VAL B 127 23.28 28.61 1.91
CA VAL B 127 22.34 29.49 1.20
C VAL B 127 21.93 28.88 -0.13
N ASN B 128 20.73 29.24 -0.61
CA ASN B 128 20.15 28.66 -1.81
C ASN B 128 19.68 29.73 -2.81
N THR B 129 19.38 29.29 -4.03
CA THR B 129 18.69 30.11 -5.01
C THR B 129 17.31 30.43 -4.45
N PRO B 130 16.85 31.69 -4.54
CA PRO B 130 15.55 32.04 -3.96
C PRO B 130 14.37 31.48 -4.76
N GLU B 131 13.15 31.76 -4.30
CA GLU B 131 11.94 31.30 -4.98
C GLU B 131 11.84 31.93 -6.36
N THR B 132 11.75 31.09 -7.38
CA THR B 132 11.64 31.54 -8.77
C THR B 132 10.57 30.71 -9.49
N LEU B 133 10.38 31.03 -10.77
CA LEU B 133 9.57 30.22 -11.66
C LEU B 133 10.07 28.78 -11.68
N LEU B 134 11.39 28.61 -11.77
CA LEU B 134 12.00 27.29 -11.81
C LEU B 134 12.22 26.68 -10.42
N TYR B 135 12.94 27.40 -9.57
CA TYR B 135 13.31 26.89 -8.24
C TYR B 135 12.17 27.05 -7.27
N LYS B 136 11.75 25.94 -6.66
CA LYS B 136 10.76 25.95 -5.59
C LYS B 136 11.28 25.13 -4.38
N LYS B 137 11.58 25.85 -3.30
CA LYS B 137 12.16 25.30 -2.07
C LYS B 137 11.48 24.03 -1.55
N SER B 138 10.15 24.12 -1.45
CA SER B 138 9.33 23.07 -0.84
C SER B 138 9.22 21.78 -1.67
N SER B 139 9.50 21.83 -2.97
CA SER B 139 9.43 20.65 -3.85
C SER B 139 10.75 20.18 -4.47
N VAL B 140 11.81 20.98 -4.43
CA VAL B 140 13.07 20.63 -5.08
C VAL B 140 13.89 19.66 -4.22
N MET B 141 14.66 18.79 -4.88
CA MET B 141 15.51 17.79 -4.20
C MET B 141 16.86 17.58 -4.89
N PHE B 142 17.93 17.59 -4.09
CA PHE B 142 19.29 17.29 -4.59
C PHE B 142 19.45 15.77 -4.74
N GLY B 143 20.05 15.35 -5.86
CA GLY B 143 20.26 13.93 -6.18
C GLY B 143 19.12 13.23 -6.91
N ILE B 144 18.03 13.94 -7.16
CA ILE B 144 16.84 13.36 -7.79
C ILE B 144 17.06 13.00 -9.26
N ASP B 145 17.86 13.81 -9.96
CA ASP B 145 18.30 13.49 -11.33
C ASP B 145 18.97 12.11 -11.40
N LEU B 146 19.88 11.85 -10.48
CA LEU B 146 20.64 10.59 -10.48
C LEU B 146 19.82 9.42 -9.93
N ALA B 147 18.99 9.70 -8.92
CA ALA B 147 18.22 8.65 -8.24
C ALA B 147 16.97 8.18 -8.99
N LYS B 148 16.34 9.05 -9.77
CA LYS B 148 15.07 8.78 -10.49
C LYS B 148 14.88 7.34 -11.00
N ARG B 149 15.89 6.84 -11.71
CA ARG B 149 15.85 5.51 -12.31
C ARG B 149 15.82 4.40 -11.27
N ASP B 150 16.77 4.46 -10.34
CA ASP B 150 16.94 3.41 -9.32
C ASP B 150 15.87 3.39 -8.21
N ILE B 151 15.14 4.49 -8.02
CA ILE B 151 14.00 4.48 -7.07
C ILE B 151 12.77 3.83 -7.70
N ALA B 152 12.55 4.12 -8.99
CA ALA B 152 11.46 3.51 -9.76
C ALA B 152 11.67 2.00 -9.95
N LYS B 153 12.90 1.64 -10.31
CA LYS B 153 13.31 0.24 -10.43
C LYS B 153 13.33 -0.41 -9.05
N GLY B 154 14.09 0.19 -8.13
CA GLY B 154 14.30 -0.36 -6.80
C GLY B 154 13.13 -0.35 -5.86
N HIS B 155 12.11 0.48 -6.15
CA HIS B 155 10.95 0.68 -5.27
C HIS B 155 11.44 1.10 -3.89
N GLN B 156 12.22 2.16 -3.87
CA GLN B 156 12.95 2.57 -2.67
C GLN B 156 13.51 3.97 -2.84
N ALA B 157 13.31 4.82 -1.83
CA ALA B 157 13.95 6.12 -1.73
C ALA B 157 14.67 6.20 -0.40
N VAL B 158 15.78 6.95 -0.36
CA VAL B 158 16.56 7.13 0.86
C VAL B 158 16.74 8.62 1.10
N VAL B 159 15.94 9.17 2.00
CA VAL B 159 16.02 10.59 2.31
C VAL B 159 17.16 10.80 3.30
N VAL B 160 18.09 11.68 2.94
CA VAL B 160 19.19 12.08 3.84
C VAL B 160 19.17 13.60 3.99
N GLU B 161 19.92 14.09 4.98
CA GLU B 161 19.87 15.51 5.36
C GLU B 161 20.51 16.45 4.34
N GLY B 162 21.80 16.24 4.07
CA GLY B 162 22.61 17.19 3.31
C GLY B 162 23.04 16.80 1.92
N TYR B 163 23.84 17.66 1.31
CA TYR B 163 24.34 17.47 -0.07
C TYR B 163 25.43 16.40 -0.08
N THR B 164 26.41 16.57 0.80
CA THR B 164 27.51 15.60 0.96
C THR B 164 27.01 14.22 1.44
N ASP B 165 25.89 14.19 2.16
CA ASP B 165 25.26 12.93 2.56
C ASP B 165 24.66 12.19 1.35
N VAL B 166 24.09 12.94 0.41
CA VAL B 166 23.62 12.36 -0.87
C VAL B 166 24.80 11.85 -1.67
N MET B 167 25.88 12.63 -1.71
CA MET B 167 27.09 12.24 -2.45
C MET B 167 27.66 10.93 -1.91
N ALA B 168 27.93 10.92 -0.61
CA ALA B 168 28.46 9.74 0.08
C ALA B 168 27.61 8.47 -0.11
N MET B 169 26.29 8.61 -0.10
CA MET B 169 25.37 7.49 -0.32
C MET B 169 25.46 6.98 -1.76
N HIS B 170 25.36 7.89 -2.72
CA HIS B 170 25.45 7.55 -4.15
C HIS B 170 26.80 6.90 -4.50
N LEU B 171 27.89 7.42 -3.93
CA LEU B 171 29.21 6.82 -4.12
C LEU B 171 29.33 5.42 -3.53
N ALA B 172 28.69 5.20 -2.39
CA ALA B 172 28.70 3.88 -1.73
C ALA B 172 27.75 2.83 -2.37
N GLY B 173 27.12 3.17 -3.49
CA GLY B 173 26.23 2.27 -4.21
C GLY B 173 24.76 2.59 -4.02
N VAL B 174 24.43 3.33 -2.95
CA VAL B 174 23.04 3.66 -2.62
C VAL B 174 22.59 4.78 -3.56
N THR B 175 22.23 4.39 -4.77
CA THR B 175 21.91 5.33 -5.84
C THR B 175 20.48 5.88 -5.76
N THR B 176 19.72 5.42 -4.76
CA THR B 176 18.37 5.92 -4.49
C THR B 176 18.30 7.08 -3.47
N ALA B 177 19.46 7.61 -3.06
CA ALA B 177 19.50 8.64 -2.01
C ALA B 177 19.23 10.05 -2.55
N VAL B 178 18.50 10.85 -1.76
CA VAL B 178 18.16 12.24 -2.09
C VAL B 178 18.10 13.10 -0.82
N ALA B 179 18.00 14.41 -1.00
CA ALA B 179 17.93 15.37 0.11
C ALA B 179 17.14 16.63 -0.23
N SER B 180 16.45 17.18 0.77
CA SER B 180 15.72 18.46 0.65
C SER B 180 16.70 19.62 0.81
N CYS B 181 16.60 20.62 -0.07
CA CYS B 181 17.58 21.71 -0.14
C CYS B 181 17.17 22.96 0.65
N GLY B 182 17.88 23.22 1.75
CA GLY B 182 17.69 24.43 2.57
C GLY B 182 16.40 24.51 3.38
N THR B 183 15.72 23.37 3.53
CA THR B 183 14.43 23.33 4.21
C THR B 183 14.10 21.92 4.70
N ALA B 184 13.11 21.84 5.57
CA ALA B 184 12.65 20.55 6.08
C ALA B 184 12.01 19.74 4.96
N PHE B 185 12.19 18.42 5.03
CA PHE B 185 11.50 17.51 4.12
C PHE B 185 10.00 17.61 4.38
N GLY B 186 9.21 17.63 3.31
CA GLY B 186 7.81 18.05 3.36
C GLY B 186 6.84 17.22 2.55
N GLY B 187 5.66 17.78 2.33
CA GLY B 187 4.54 17.08 1.72
C GLY B 187 4.65 16.89 0.23
N GLU B 188 5.05 17.95 -0.47
CA GLU B 188 5.25 17.88 -1.93
C GLU B 188 6.60 17.25 -2.32
N HIS B 189 7.53 17.13 -1.35
CA HIS B 189 8.72 16.29 -1.54
C HIS B 189 8.28 14.83 -1.53
N LEU B 190 7.57 14.44 -0.46
CA LEU B 190 6.90 13.12 -0.37
C LEU B 190 6.04 12.76 -1.59
N ALA B 191 5.22 13.72 -2.02
CA ALA B 191 4.33 13.55 -3.17
C ALA B 191 5.08 13.25 -4.47
N MET B 192 6.23 13.91 -4.64
CA MET B 192 7.08 13.73 -5.82
C MET B 192 7.69 12.33 -5.84
N LEU B 193 8.29 11.93 -4.71
CA LEU B 193 8.90 10.60 -4.55
C LEU B 193 7.87 9.46 -4.68
N ARG B 194 6.70 9.68 -4.12
CA ARG B 194 5.58 8.74 -4.23
C ARG B 194 5.24 8.48 -5.70
N ARG B 195 5.12 9.57 -6.47
CA ARG B 195 4.80 9.53 -7.92
C ARG B 195 5.72 8.59 -8.71
N LEU B 196 7.04 8.74 -8.51
CA LEU B 196 8.05 7.92 -9.21
C LEU B 196 8.01 6.44 -8.85
N MET B 197 7.62 6.13 -7.62
CA MET B 197 7.52 4.73 -7.15
C MET B 197 6.24 3.99 -7.60
N MET B 198 5.33 4.68 -8.28
CA MET B 198 4.08 4.09 -8.78
C MET B 198 4.36 3.19 -9.99
N ASP B 199 3.79 1.99 -9.97
CA ASP B 199 3.57 1.20 -11.18
C ASP B 199 2.10 0.80 -11.18
N ASP B 200 1.42 1.03 -12.30
CA ASP B 200 -0.07 1.00 -12.38
C ASP B 200 -0.63 2.16 -11.52
N SER B 201 -1.79 1.96 -10.88
CA SER B 201 -2.35 2.94 -9.93
C SER B 201 -2.14 2.47 -8.48
N PHE B 202 -0.91 2.09 -8.17
CA PHE B 202 -0.55 1.52 -6.85
C PHE B 202 0.81 2.00 -6.37
N PHE B 203 0.82 2.65 -5.20
CA PHE B 203 2.08 3.00 -4.54
C PHE B 203 2.76 1.74 -4.05
N ARG B 204 4.08 1.71 -4.19
CA ARG B 204 4.87 0.52 -3.91
C ARG B 204 6.32 0.88 -3.63
N GLY B 205 6.76 0.62 -2.40
CA GLY B 205 8.18 0.78 -2.07
C GLY B 205 8.49 1.07 -0.61
N GLU B 206 9.61 1.76 -0.41
CA GLU B 206 10.14 2.04 0.92
C GLU B 206 10.72 3.43 1.02
N LEU B 207 10.11 4.26 1.88
CA LEU B 207 10.71 5.53 2.31
C LEU B 207 11.63 5.22 3.48
N ILE B 208 12.94 5.41 3.27
CA ILE B 208 13.93 5.16 4.31
C ILE B 208 14.50 6.52 4.72
N TYR B 209 14.11 6.99 5.90
CA TYR B 209 14.59 8.27 6.43
C TYR B 209 15.85 8.02 7.26
N VAL B 210 16.98 8.52 6.78
CA VAL B 210 18.25 8.39 7.48
C VAL B 210 18.46 9.67 8.28
N PHE B 211 18.65 9.50 9.59
CA PHE B 211 18.89 10.61 10.51
C PHE B 211 20.27 10.53 11.14
N ASP B 212 20.71 11.67 11.69
CA ASP B 212 22.01 11.81 12.35
C ASP B 212 21.83 12.52 13.68
N GLY B 213 22.20 11.83 14.76
CA GLY B 213 21.82 12.23 16.11
C GLY B 213 20.45 11.63 16.41
N ASP B 214 20.33 10.97 17.55
CA ASP B 214 19.14 10.16 17.86
C ASP B 214 17.91 10.99 18.23
N GLU B 215 18.12 12.16 18.85
CA GLU B 215 17.02 13.11 19.12
C GLU B 215 16.34 13.59 17.83
N ALA B 216 17.13 13.80 16.78
CA ALA B 216 16.61 14.15 15.45
C ALA B 216 15.75 13.03 14.87
N GLY B 217 16.14 11.78 15.12
CA GLY B 217 15.31 10.61 14.79
C GLY B 217 14.06 10.49 15.64
N ARG B 218 14.20 10.71 16.95
CA ARG B 218 13.06 10.71 17.88
C ARG B 218 12.03 11.81 17.58
N ALA B 219 12.48 12.93 16.99
CA ALA B 219 11.58 14.00 16.54
C ALA B 219 10.64 13.53 15.42
N ALA B 220 11.22 12.81 14.45
CA ALA B 220 10.45 12.18 13.37
C ALA B 220 9.52 11.09 13.90
N ALA B 221 9.99 10.35 14.90
CA ALA B 221 9.21 9.30 15.56
C ALA B 221 7.93 9.84 16.19
N LEU B 222 8.05 10.75 17.14
CA LEU B 222 6.88 11.39 17.77
C LEU B 222 5.95 12.08 16.74
N LYS B 223 6.53 12.56 15.64
CA LYS B 223 5.77 13.15 14.51
C LYS B 223 4.98 12.14 13.64
N ALA B 224 5.40 10.87 13.65
CA ALA B 224 4.82 9.84 12.78
C ALA B 224 3.30 9.64 12.92
N PHE B 225 2.79 9.82 14.14
CA PHE B 225 1.36 9.61 14.44
C PHE B 225 0.45 10.81 14.14
N ASP B 226 1.00 11.91 13.64
CA ASP B 226 0.28 13.19 13.59
C ASP B 226 -0.84 13.26 12.56
N GLY B 227 -0.49 13.11 11.29
CA GLY B 227 -1.43 13.39 10.19
C GLY B 227 -2.44 12.30 9.91
N GLU B 228 -2.68 12.05 8.62
CA GLU B 228 -3.48 10.92 8.16
C GLU B 228 -2.68 9.61 8.09
N GLN B 229 -1.37 9.68 8.33
CA GLN B 229 -0.47 8.51 8.29
C GLN B 229 -0.53 7.82 6.92
N LYS B 230 -0.49 8.64 5.87
CA LYS B 230 -0.69 8.16 4.48
C LYS B 230 0.34 7.11 4.06
N LEU B 231 1.61 7.42 4.24
CA LEU B 231 2.70 6.53 3.81
C LEU B 231 3.38 5.82 5.00
N ALA B 232 2.80 5.94 6.19
CA ALA B 232 3.41 5.47 7.45
C ALA B 232 3.79 3.99 7.44
N GLY B 233 2.89 3.16 6.93
CA GLY B 233 3.14 1.72 6.77
C GLY B 233 4.38 1.37 5.97
N GLN B 234 4.71 2.20 4.99
CA GLN B 234 5.87 2.00 4.11
C GLN B 234 7.04 2.94 4.45
N SER B 235 6.98 3.58 5.62
CA SER B 235 8.03 4.50 6.06
C SER B 235 8.94 3.80 7.05
N PHE B 236 10.24 4.07 6.93
CA PHE B 236 11.27 3.39 7.70
C PHE B 236 12.35 4.36 8.18
N VAL B 237 12.99 4.01 9.29
CA VAL B 237 14.01 4.83 9.93
C VAL B 237 15.29 4.03 10.09
N ALA B 238 16.41 4.68 9.77
CA ALA B 238 17.74 4.19 10.11
C ALA B 238 18.50 5.34 10.77
N VAL B 239 19.32 5.02 11.76
CA VAL B 239 20.10 6.02 12.49
C VAL B 239 21.53 5.53 12.64
N ALA B 240 22.48 6.39 12.28
CA ALA B 240 23.90 6.03 12.34
C ALA B 240 24.38 5.96 13.79
N PRO B 241 25.48 5.22 14.06
CA PRO B 241 26.10 5.21 15.38
C PRO B 241 26.25 6.62 15.95
N ASP B 242 25.82 6.77 17.20
CA ASP B 242 25.48 8.09 17.80
C ASP B 242 26.45 9.22 17.45
N GLY B 243 25.89 10.31 16.90
CA GLY B 243 26.66 11.47 16.47
C GLY B 243 26.87 11.58 14.97
N MET B 244 27.15 10.45 14.33
CA MET B 244 27.54 10.42 12.92
C MET B 244 26.42 10.70 11.94
N ASP B 245 26.83 10.93 10.69
CA ASP B 245 25.95 11.11 9.52
C ASP B 245 26.51 10.28 8.35
N PRO B 246 25.74 10.11 7.25
CA PRO B 246 26.20 9.30 6.10
C PRO B 246 27.56 9.67 5.47
N CYS B 247 27.97 10.93 5.57
CA CYS B 247 29.29 11.36 5.09
C CYS B 247 30.38 10.86 6.04
N ASP B 248 30.21 11.10 7.33
CA ASP B 248 31.14 10.62 8.37
C ASP B 248 31.23 9.09 8.43
N LEU B 249 30.08 8.42 8.39
CA LEU B 249 30.05 6.94 8.45
C LEU B 249 30.90 6.33 7.34
N ARG B 250 30.91 6.97 6.17
CA ARG B 250 31.71 6.51 5.04
C ARG B 250 33.22 6.73 5.21
N LEU B 251 33.61 7.78 5.91
CA LEU B 251 35.03 8.04 6.22
C LEU B 251 35.59 7.01 7.19
N LYS B 252 34.99 6.92 8.37
CA LYS B 252 35.43 6.00 9.42
C LYS B 252 35.32 4.54 8.97
N CYS B 253 34.11 4.11 8.63
CA CYS B 253 33.80 2.69 8.44
C CYS B 253 33.61 2.22 6.99
N GLY B 254 33.93 3.08 6.01
CA GLY B 254 33.91 2.67 4.60
C GLY B 254 32.54 2.60 3.96
N ASP B 255 32.53 2.23 2.68
CA ASP B 255 31.31 2.26 1.85
C ASP B 255 30.27 1.19 2.19
N ALA B 256 30.73 0.01 2.62
CA ALA B 256 29.84 -1.09 3.01
C ALA B 256 28.93 -0.73 4.20
N ALA B 257 29.46 0.05 5.14
CA ALA B 257 28.70 0.48 6.33
C ALA B 257 27.42 1.27 6.03
N LEU B 258 27.41 2.00 4.90
CA LEU B 258 26.22 2.73 4.45
C LEU B 258 25.15 1.79 3.89
N ARG B 259 25.55 0.85 3.04
CA ARG B 259 24.61 -0.16 2.49
C ARG B 259 23.91 -0.95 3.59
N ASP B 260 24.65 -1.26 4.67
CA ASP B 260 24.11 -1.99 5.82
C ASP B 260 23.18 -1.14 6.68
N LEU B 261 23.60 0.11 6.91
CA LEU B 261 22.76 1.09 7.61
C LEU B 261 21.39 1.20 6.94
N VAL B 262 21.39 1.35 5.61
CA VAL B 262 20.17 1.42 4.81
C VAL B 262 19.42 0.09 4.82
N ALA B 263 20.14 -1.01 4.60
CA ALA B 263 19.55 -2.35 4.58
C ALA B 263 18.85 -2.70 5.89
N ARG B 264 19.49 -2.36 7.01
CA ARG B 264 18.96 -2.66 8.35
C ARG B 264 18.13 -1.52 8.94
N ARG B 265 17.29 -0.92 8.09
CA ARG B 265 16.27 0.05 8.51
C ARG B 265 15.16 -0.61 9.35
N THR B 266 14.58 0.18 10.27
CA THR B 266 13.46 -0.23 11.12
C THR B 266 12.19 0.49 10.67
N PRO B 267 11.04 -0.21 10.64
CA PRO B 267 9.78 0.50 10.34
C PRO B 267 9.50 1.64 11.33
N LEU B 268 8.88 2.72 10.83
CA LEU B 268 8.74 3.98 11.57
C LEU B 268 8.01 3.85 12.91
N PHE B 269 6.87 3.17 12.90
CA PHE B 269 6.10 2.95 14.14
C PHE B 269 6.86 2.08 15.15
N GLU B 270 7.43 0.98 14.65
CA GLU B 270 8.28 0.10 15.46
C GLU B 270 9.35 0.90 16.18
N PHE B 271 10.08 1.70 15.41
CA PHE B 271 11.16 2.53 15.96
C PHE B 271 10.63 3.47 17.04
N ALA B 272 9.58 4.20 16.71
CA ALA B 272 8.94 5.15 17.64
C ALA B 272 8.54 4.51 18.96
N ILE B 273 7.83 3.38 18.85
CA ILE B 273 7.36 2.64 20.02
C ILE B 273 8.54 2.09 20.83
N ARG B 274 9.41 1.31 20.19
CA ARG B 274 10.54 0.65 20.86
C ARG B 274 11.53 1.63 21.50
N ALA B 275 11.68 2.80 20.88
CA ALA B 275 12.49 3.89 21.45
C ALA B 275 11.92 4.43 22.77
N ALA B 276 10.59 4.46 22.88
CA ALA B 276 9.92 4.82 24.13
C ALA B 276 10.04 3.74 25.21
N ILE B 277 10.06 2.48 24.79
CA ILE B 277 10.35 1.34 25.67
C ILE B 277 11.81 1.37 26.14
N ALA B 278 12.73 1.77 25.25
CA ALA B 278 14.16 1.88 25.58
C ALA B 278 14.47 2.77 26.78
N GLU B 279 13.68 3.84 26.98
CA GLU B 279 13.86 4.77 28.11
C GLU B 279 13.05 4.39 29.37
N MET B 280 12.94 3.08 29.61
CA MET B 280 12.09 2.54 30.68
C MET B 280 12.81 1.39 31.39
N ASP B 281 12.28 0.98 32.54
CA ASP B 281 12.81 -0.17 33.29
C ASP B 281 11.91 -1.38 33.05
N LEU B 282 12.41 -2.36 32.29
CA LEU B 282 11.64 -3.58 31.97
C LEU B 282 11.89 -4.73 32.97
N ASP B 283 12.54 -4.45 34.10
CA ASP B 283 13.10 -5.50 34.97
C ASP B 283 12.28 -5.81 36.25
N SER B 284 11.11 -5.18 36.38
CA SER B 284 10.18 -5.43 37.49
C SER B 284 8.74 -5.49 36.96
N ALA B 285 7.77 -5.66 37.86
CA ALA B 285 6.34 -5.60 37.50
C ALA B 285 5.80 -4.17 37.38
N GLU B 286 6.46 -3.21 38.04
CA GLU B 286 6.03 -1.79 38.02
C GLU B 286 6.35 -1.13 36.69
N GLY B 287 7.63 -1.16 36.30
CA GLY B 287 8.09 -0.56 35.04
C GLY B 287 7.60 -1.28 33.79
N ARG B 288 7.23 -2.56 33.93
CA ARG B 288 6.55 -3.30 32.85
C ARG B 288 5.17 -2.70 32.56
N VAL B 289 4.44 -2.38 33.62
CA VAL B 289 3.12 -1.74 33.53
C VAL B 289 3.22 -0.28 33.08
N ALA B 290 4.17 0.46 33.64
CA ALA B 290 4.46 1.83 33.20
C ALA B 290 4.78 1.93 31.69
N ALA B 291 5.45 0.89 31.16
CA ALA B 291 5.79 0.82 29.74
C ALA B 291 4.56 0.73 28.85
N LEU B 292 3.73 -0.28 29.10
CA LEU B 292 2.44 -0.45 28.40
C LEU B 292 1.52 0.75 28.59
N ARG B 293 1.55 1.32 29.79
CA ARG B 293 0.74 2.50 30.12
C ARG B 293 1.01 3.71 29.22
N ARG B 294 2.21 3.77 28.63
CA ARG B 294 2.59 4.86 27.71
C ARG B 294 2.58 4.47 26.21
N CYS B 295 2.87 3.21 25.89
CA CYS B 295 2.99 2.78 24.48
C CYS B 295 1.73 2.15 23.86
N VAL B 296 0.82 1.63 24.69
CA VAL B 296 -0.49 1.17 24.20
C VAL B 296 -1.30 2.32 23.58
N PRO B 297 -1.25 3.53 24.20
CA PRO B 297 -1.80 4.74 23.55
C PRO B 297 -1.20 5.05 22.18
N MET B 298 0.12 4.91 22.06
CA MET B 298 0.81 5.10 20.77
C MET B 298 0.27 4.12 19.73
N VAL B 299 0.02 2.88 20.13
CA VAL B 299 -0.62 1.89 19.26
C VAL B 299 -2.05 2.30 18.94
N GLY B 300 -2.79 2.75 19.95
CA GLY B 300 -4.15 3.28 19.78
C GLY B 300 -4.32 4.33 18.69
N GLN B 301 -3.31 5.19 18.54
CA GLN B 301 -3.29 6.25 17.52
C GLN B 301 -3.08 5.78 16.07
N ILE B 302 -2.59 4.55 15.88
CA ILE B 302 -2.39 4.00 14.55
C ILE B 302 -3.77 3.82 13.90
N LYS B 303 -3.95 4.42 12.72
CA LYS B 303 -5.24 4.48 12.05
C LYS B 303 -5.55 3.24 11.22
N ASP B 304 -4.50 2.61 10.67
CA ASP B 304 -4.67 1.36 9.93
C ASP B 304 -4.93 0.23 10.94
N PRO B 305 -6.15 -0.36 10.93
CA PRO B 305 -6.41 -1.43 11.91
C PRO B 305 -5.51 -2.66 11.73
N THR B 306 -5.19 -2.98 10.47
CA THR B 306 -4.23 -4.04 10.13
C THR B 306 -2.88 -3.82 10.82
N LEU B 307 -2.34 -2.62 10.62
CA LEU B 307 -1.03 -2.25 11.15
C LEU B 307 -1.07 -2.10 12.68
N ARG B 308 -2.17 -1.56 13.19
CA ARG B 308 -2.44 -1.47 14.62
C ARG B 308 -2.40 -2.83 15.31
N ASP B 309 -3.15 -3.79 14.77
CA ASP B 309 -3.17 -5.16 15.29
C ASP B 309 -1.79 -5.86 15.28
N GLU B 310 -0.98 -5.54 14.27
CA GLU B 310 0.38 -6.08 14.20
C GLU B 310 1.26 -5.55 15.35
N TYR B 311 1.14 -4.26 15.64
CA TYR B 311 1.88 -3.66 16.76
C TYR B 311 1.30 -3.99 18.13
N ALA B 312 0.00 -4.27 18.21
CA ALA B 312 -0.61 -4.74 19.44
C ALA B 312 -0.08 -6.12 19.84
N ARG B 313 0.08 -6.98 18.83
CA ARG B 313 0.63 -8.34 19.02
C ARG B 313 2.05 -8.35 19.61
N GLN B 314 2.85 -7.36 19.25
CA GLN B 314 4.27 -7.31 19.62
C GLN B 314 4.61 -6.54 20.90
N LEU B 315 3.63 -5.92 21.55
CA LEU B 315 3.88 -5.11 22.75
C LEU B 315 4.30 -5.94 23.95
N ALA B 316 3.48 -6.93 24.29
CA ALA B 316 3.79 -7.83 25.39
C ALA B 316 5.13 -8.54 25.19
N GLY B 317 5.45 -8.84 23.92
CA GLY B 317 6.77 -9.34 23.55
C GLY B 317 7.90 -8.40 23.91
N TRP B 318 7.76 -7.13 23.52
CA TRP B 318 8.82 -6.14 23.70
C TRP B 318 9.05 -5.67 25.13
N VAL B 319 7.97 -5.49 25.90
CA VAL B 319 8.11 -5.12 27.31
C VAL B 319 8.69 -6.30 28.11
N GLY B 320 8.22 -7.51 27.82
CA GLY B 320 8.69 -8.74 28.48
C GLY B 320 7.63 -9.75 28.90
N TRP B 321 6.36 -9.34 28.97
CA TRP B 321 5.25 -10.16 29.51
C TRP B 321 4.92 -11.48 28.75
N ALA B 322 5.51 -11.70 27.58
CA ALA B 322 5.28 -12.94 26.81
C ALA B 322 6.51 -13.35 25.99
N ASP B 323 6.41 -14.51 25.33
CA ASP B 323 7.44 -15.02 24.44
C ASP B 323 7.49 -14.22 23.12
N VAL B 324 8.64 -13.63 22.81
CA VAL B 324 8.81 -12.80 21.60
C VAL B 324 8.79 -13.65 20.34
#